data_7QZ3
#
_entry.id   7QZ3
#
_cell.length_a   79.740
_cell.length_b   79.740
_cell.length_c   349.500
_cell.angle_alpha   90.000
_cell.angle_beta   90.000
_cell.angle_gamma   90.000
#
_symmetry.space_group_name_H-M   'P 41 21 2'
#
loop_
_entity.id
_entity.type
_entity.pdbx_description
1 polymer 'BNR/Asp-box repeat protein'
2 non-polymer '4-(2-HYDROXYETHYL)-1-PIPERAZINE ETHANESULFONIC ACID'
3 water water
#
_entity_poly.entity_id   1
_entity_poly.type   'polypeptide(L)'
_entity_poly.pdbx_seq_one_letter_code
;DSVYVQNPQIPILVDRTDNVLFRIRIPDATKGDVLNRLTIRFGNEDKLSEVKAVRLFYAGTEAATKGRSRFAPVTYVSSH
NIRNTRSANPSYSIRQDEVTTVANTLTLKTRQPMVKGINYFWVSVEMDRNTSLLSKLTSTVTEVVINDKPAVIAGEQAAV
RRMGIGVRHAGDDGSASFRIPGLVTTNKGTLLGVYDVRYNNSVDLQEHIDVGLSRSTDKGQTWEPMRIAMSFGETDGLPS
GQNGVGDPSILVDERTNTVWVVAAWTHGMGNARAWTNSMPGMTPDETAQLMMVKSTDDGRTWSESTNITSQVKDPSWCFL
LQGPGRGITMRDGTLVFPIQFIDSLRVPHAGIMYSKDRGETWHIHQPARTNTTEAQVAEVEPGVLMLNMRDNRGGSRAVS
ITRDLGKSWTEHSSNRSALPESICMASLISVKAKDNIIGKDLLLFSNPNTTEGRHHITIKASLDGGVTWLPAHQVLLDEE
DGWGYSCLSMIDRETVGIFYESSVAHMTFQAVKIKDLIR
;
_entity_poly.pdbx_strand_id   A,B
#
# COMPACT_ATOMS: atom_id res chain seq x y z
N ASP A 1 25.12 -6.00 32.53
CA ASP A 1 25.21 -5.61 31.08
C ASP A 1 24.73 -4.15 30.92
N SER A 2 24.84 -3.62 29.70
CA SER A 2 24.49 -2.22 29.36
C SER A 2 23.18 -2.13 28.56
N VAL A 3 22.59 -0.94 28.53
CA VAL A 3 21.35 -0.60 27.77
C VAL A 3 21.63 0.64 26.93
N TYR A 4 21.01 0.71 25.74
CA TYR A 4 21.20 1.80 24.77
C TYR A 4 19.90 2.60 24.64
N VAL A 5 20.06 3.92 24.65
CA VAL A 5 18.92 4.90 24.65
C VAL A 5 19.11 5.85 23.47
N GLN A 6 18.03 6.06 22.74
CA GLN A 6 17.96 7.04 21.63
C GLN A 6 16.89 8.07 21.98
N ASN A 7 17.22 9.36 21.84
CA ASN A 7 16.24 10.46 21.88
C ASN A 7 16.12 11.04 20.48
N PRO A 8 15.21 10.51 19.64
CA PRO A 8 15.16 10.88 18.22
C PRO A 8 14.70 12.32 17.95
N GLN A 9 15.50 13.10 17.21
CA GLN A 9 15.12 14.48 16.83
C GLN A 9 14.02 14.40 15.77
N ILE A 10 12.78 14.11 16.21
CA ILE A 10 11.56 14.14 15.37
C ILE A 10 10.51 14.98 16.09
N PRO A 11 9.56 15.60 15.37
CA PRO A 11 8.54 16.42 16.00
C PRO A 11 7.65 15.61 16.95
N ILE A 12 7.38 16.20 18.13
CA ILE A 12 6.30 15.78 19.06
C ILE A 12 5.03 16.51 18.62
N LEU A 13 4.06 15.77 18.08
CA LEU A 13 2.80 16.33 17.54
C LEU A 13 1.81 16.52 18.69
N VAL A 14 1.31 17.75 18.85
CA VAL A 14 0.41 18.17 19.96
C VAL A 14 -0.95 17.49 19.78
N ASP A 15 -1.25 17.06 18.55
CA ASP A 15 -2.55 16.44 18.16
C ASP A 15 -2.42 14.90 18.15
N ARG A 16 -1.28 14.35 18.56
CA ARG A 16 -1.07 12.87 18.55
C ARG A 16 -1.35 12.31 19.95
N THR A 17 -1.85 11.07 20.01
CA THR A 17 -1.98 10.27 21.26
C THR A 17 -0.58 9.79 21.69
N ASP A 18 0.22 9.29 20.74
CA ASP A 18 1.59 8.78 21.00
C ASP A 18 2.63 9.52 20.14
N ASN A 19 3.77 9.82 20.75
CA ASN A 19 4.99 10.33 20.09
C ASN A 19 6.18 9.63 20.74
N VAL A 20 7.18 9.22 19.95
CA VAL A 20 8.41 8.54 20.45
C VAL A 20 9.28 9.60 21.13
N LEU A 21 9.43 9.52 22.46
CA LEU A 21 10.37 10.38 23.23
C LEU A 21 11.73 9.67 23.32
N PHE A 22 11.72 8.41 23.73
CA PHE A 22 12.93 7.54 23.81
C PHE A 22 12.63 6.19 23.15
N ARG A 23 13.62 5.65 22.43
CA ARG A 23 13.68 4.21 22.09
C ARG A 23 14.80 3.59 22.92
N ILE A 24 14.58 2.36 23.37
CA ILE A 24 15.53 1.63 24.27
C ILE A 24 15.83 0.26 23.66
N ARG A 25 17.11 -0.05 23.47
CA ARG A 25 17.58 -1.41 23.09
C ARG A 25 18.35 -2.01 24.28
N ILE A 26 17.83 -3.13 24.77
CA ILE A 26 18.55 -4.01 25.73
C ILE A 26 19.08 -5.19 24.91
N PRO A 27 20.38 -5.17 24.52
CA PRO A 27 20.89 -6.09 23.51
C PRO A 27 21.12 -7.54 23.97
N ASP A 28 21.46 -7.76 25.25
CA ASP A 28 22.03 -9.05 25.74
C ASP A 28 21.26 -9.58 26.95
N ALA A 29 19.92 -9.59 26.87
CA ALA A 29 19.02 -10.04 27.96
C ALA A 29 19.15 -11.55 28.14
N THR A 30 19.12 -12.00 29.40
CA THR A 30 18.87 -13.42 29.80
C THR A 30 17.35 -13.61 29.87
N LYS A 31 16.84 -14.72 29.34
CA LYS A 31 15.39 -15.05 29.38
C LYS A 31 14.89 -14.90 30.82
N GLY A 32 13.85 -14.09 31.03
CA GLY A 32 13.24 -13.85 32.36
C GLY A 32 13.65 -12.53 32.98
N ASP A 33 14.73 -11.88 32.51
CA ASP A 33 15.18 -10.55 33.00
C ASP A 33 13.99 -9.58 32.94
N VAL A 34 13.85 -8.72 33.95
CA VAL A 34 12.72 -7.75 34.03
C VAL A 34 13.29 -6.34 34.22
N LEU A 35 12.89 -5.43 33.32
CA LEU A 35 13.07 -3.97 33.46
C LEU A 35 12.09 -3.49 34.55
N ASN A 36 12.52 -3.52 35.81
CA ASN A 36 11.69 -3.21 37.00
C ASN A 36 11.19 -1.78 36.90
N ARG A 37 12.10 -0.83 36.67
CA ARG A 37 11.75 0.62 36.62
C ARG A 37 12.81 1.40 35.85
N LEU A 38 12.36 2.50 35.26
CA LEU A 38 13.12 3.40 34.37
C LEU A 38 12.81 4.82 34.83
N THR A 39 13.81 5.66 35.06
CA THR A 39 13.63 7.05 35.52
C THR A 39 14.00 8.00 34.38
N ILE A 40 13.11 8.91 33.99
CA ILE A 40 13.44 10.05 33.08
C ILE A 40 13.44 11.34 33.91
N ARG A 41 14.30 12.28 33.53
CA ARG A 41 14.35 13.65 34.12
C ARG A 41 14.15 14.68 32.99
N PHE A 42 13.36 15.72 33.28
CA PHE A 42 13.11 16.89 32.40
C PHE A 42 13.87 18.10 32.97
N GLY A 43 14.36 18.99 32.09
CA GLY A 43 15.08 20.23 32.45
C GLY A 43 14.25 21.11 33.38
N ASN A 44 14.89 21.90 34.24
CA ASN A 44 14.20 22.70 35.31
C ASN A 44 13.16 23.65 34.71
N GLU A 45 13.40 24.18 33.50
CA GLU A 45 12.56 25.26 32.91
C GLU A 45 11.53 24.66 31.94
N ASP A 46 11.47 23.33 31.82
CA ASP A 46 10.45 22.61 31.00
C ASP A 46 9.05 22.89 31.54
N LYS A 47 8.10 23.15 30.64
CA LYS A 47 6.67 23.36 30.95
C LYS A 47 5.98 22.00 31.04
N LEU A 48 6.26 21.22 32.08
CA LEU A 48 5.72 19.85 32.26
C LEU A 48 4.19 19.90 32.43
N SER A 49 3.62 21.07 32.72
CA SER A 49 2.14 21.19 32.87
C SER A 49 1.42 20.87 31.55
N GLU A 50 2.05 21.06 30.38
CA GLU A 50 1.36 20.79 29.07
C GLU A 50 1.71 19.38 28.56
N VAL A 51 2.45 18.57 29.34
CA VAL A 51 2.59 17.10 29.13
C VAL A 51 1.39 16.39 29.77
N LYS A 52 0.55 15.74 28.97
CA LYS A 52 -0.71 15.09 29.40
C LYS A 52 -0.40 13.71 30.00
N ALA A 53 0.47 12.91 29.38
CA ALA A 53 0.87 11.58 29.90
C ALA A 53 2.19 11.11 29.26
N VAL A 54 2.91 10.26 29.99
CA VAL A 54 4.11 9.51 29.54
C VAL A 54 3.80 8.01 29.70
N ARG A 55 4.15 7.21 28.70
CA ARG A 55 3.88 5.75 28.64
C ARG A 55 5.18 4.99 28.36
N LEU A 56 5.34 3.82 28.99
CA LEU A 56 6.41 2.83 28.67
C LEU A 56 5.74 1.67 27.92
N PHE A 57 6.25 1.38 26.71
CA PHE A 57 5.80 0.27 25.83
C PHE A 57 6.90 -0.78 25.72
N TYR A 58 6.49 -2.05 25.61
CA TYR A 58 7.33 -3.20 25.20
C TYR A 58 6.97 -3.55 23.75
N ALA A 59 7.97 -3.81 22.90
CA ALA A 59 7.79 -4.13 21.45
C ALA A 59 8.44 -5.48 21.11
N GLY A 60 8.75 -6.31 22.12
CA GLY A 60 9.33 -7.66 21.91
C GLY A 60 10.79 -7.59 21.48
N THR A 61 11.15 -8.35 20.45
CA THR A 61 12.56 -8.64 20.09
C THR A 61 12.83 -8.25 18.63
N GLU A 62 14.01 -8.64 18.14
CA GLU A 62 14.50 -8.33 16.77
C GLU A 62 14.56 -9.64 16.00
N ALA A 63 14.49 -9.57 14.67
CA ALA A 63 14.75 -10.72 13.77
C ALA A 63 16.23 -11.11 13.84
N ALA A 64 16.51 -12.41 13.77
CA ALA A 64 17.85 -13.03 13.86
C ALA A 64 18.81 -12.41 12.83
N THR A 65 18.31 -11.99 11.67
CA THR A 65 19.17 -11.57 10.52
C THR A 65 19.34 -10.04 10.48
N LYS A 66 18.72 -9.27 11.37
CA LYS A 66 18.65 -7.78 11.24
C LYS A 66 19.71 -7.09 12.11
N GLY A 67 20.57 -7.83 12.82
CA GLY A 67 21.72 -7.26 13.53
C GLY A 67 21.32 -6.38 14.70
N ARG A 68 22.30 -5.77 15.37
CA ARG A 68 22.20 -5.43 16.81
C ARG A 68 22.14 -3.92 17.06
N SER A 69 22.03 -3.09 16.03
CA SER A 69 22.27 -1.62 16.12
C SER A 69 20.98 -0.81 15.96
N ARG A 70 19.84 -1.48 15.74
CA ARG A 70 18.52 -0.83 15.52
C ARG A 70 17.92 -0.48 16.88
N PHE A 71 17.05 0.52 16.93
CA PHE A 71 16.39 0.98 18.18
C PHE A 71 14.93 0.49 18.21
N ALA A 72 14.49 -0.23 17.18
CA ALA A 72 13.10 -0.73 17.03
C ALA A 72 13.04 -1.84 15.99
N PRO A 73 12.08 -2.79 16.09
CA PRO A 73 11.86 -3.79 15.04
C PRO A 73 10.98 -3.27 13.88
N VAL A 74 10.32 -2.13 14.09
CA VAL A 74 9.19 -1.65 13.26
C VAL A 74 8.88 -0.21 13.65
N THR A 75 8.26 0.55 12.73
CA THR A 75 7.61 1.86 13.02
C THR A 75 6.54 1.63 14.08
N TYR A 76 6.64 2.38 15.19
CA TYR A 76 5.71 2.28 16.35
C TYR A 76 4.43 3.06 16.05
N VAL A 77 4.59 4.29 15.54
CA VAL A 77 3.46 5.21 15.24
C VAL A 77 3.53 5.54 13.76
N SER A 78 2.58 5.02 13.00
CA SER A 78 2.52 5.09 11.51
C SER A 78 2.02 6.47 11.08
N SER A 79 2.63 7.00 10.02
CA SER A 79 2.23 8.25 9.34
C SER A 79 1.51 7.91 8.03
N HIS A 80 1.25 6.62 7.75
CA HIS A 80 0.68 6.13 6.46
C HIS A 80 -0.60 5.32 6.67
N ASN A 81 -0.75 4.66 7.82
CA ASN A 81 -1.93 3.80 8.11
C ASN A 81 -3.18 4.69 8.19
N ILE A 82 -4.02 4.66 7.15
CA ILE A 82 -5.25 5.48 7.02
C ILE A 82 -6.23 5.16 8.17
N ARG A 83 -6.09 4.02 8.84
CA ARG A 83 -6.97 3.60 9.96
C ARG A 83 -6.44 4.11 11.31
N ASN A 84 -5.16 4.49 11.41
CA ASN A 84 -4.56 5.00 12.66
C ASN A 84 -3.17 5.61 12.45
N THR A 85 -3.08 6.95 12.50
CA THR A 85 -1.80 7.71 12.45
C THR A 85 -1.50 8.39 13.79
N ARG A 86 -2.36 8.26 14.80
CA ARG A 86 -2.32 9.16 15.98
C ARG A 86 -1.88 8.43 17.25
N SER A 87 -2.10 7.12 17.33
CA SER A 87 -1.68 6.25 18.45
C SER A 87 -0.76 5.12 17.94
N ALA A 88 0.07 4.57 18.83
CA ALA A 88 0.91 3.38 18.56
C ALA A 88 0.04 2.24 18.02
N ASN A 89 0.47 1.57 16.95
CA ASN A 89 -0.17 0.31 16.52
C ASN A 89 -0.13 -0.65 17.70
N PRO A 90 -1.29 -1.04 18.24
CA PRO A 90 -1.34 -1.90 19.42
C PRO A 90 -0.79 -3.31 19.14
N SER A 91 -0.72 -3.73 17.87
CA SER A 91 -0.14 -5.06 17.49
C SER A 91 1.41 -5.04 17.56
N TYR A 92 2.05 -3.87 17.67
CA TYR A 92 3.54 -3.76 17.72
C TYR A 92 4.04 -3.32 19.10
N SER A 93 3.19 -2.72 19.93
CA SER A 93 3.59 -2.16 21.25
C SER A 93 2.52 -2.48 22.29
N ILE A 94 2.95 -3.04 23.43
CA ILE A 94 2.08 -3.34 24.61
C ILE A 94 2.46 -2.36 25.74
N ARG A 95 1.50 -1.59 26.22
CA ARG A 95 1.72 -0.59 27.30
C ARG A 95 2.04 -1.35 28.60
N GLN A 96 3.11 -0.94 29.28
CA GLN A 96 3.59 -1.53 30.55
C GLN A 96 3.13 -0.65 31.73
N ASP A 97 3.18 0.67 31.53
CA ASP A 97 2.95 1.68 32.60
C ASP A 97 2.53 2.99 31.92
N GLU A 98 1.93 3.88 32.70
CA GLU A 98 1.51 5.23 32.26
C GLU A 98 1.45 6.13 33.48
N VAL A 99 2.03 7.33 33.38
CA VAL A 99 1.96 8.43 34.39
C VAL A 99 1.25 9.63 33.74
N THR A 100 0.19 10.13 34.39
CA THR A 100 -0.71 11.20 33.85
C THR A 100 -0.45 12.52 34.58
N THR A 101 0.44 12.52 35.58
CA THR A 101 0.91 13.73 36.30
C THR A 101 2.45 13.72 36.29
N VAL A 102 3.05 14.55 35.43
CA VAL A 102 4.49 14.47 35.06
C VAL A 102 5.28 15.49 35.87
N ALA A 103 6.27 15.02 36.62
CA ALA A 103 7.20 15.84 37.43
C ALA A 103 8.59 15.81 36.77
N ASN A 104 9.52 16.64 37.28
CA ASN A 104 10.92 16.76 36.80
C ASN A 104 11.60 15.39 36.81
N THR A 105 11.33 14.55 37.82
CA THR A 105 11.67 13.10 37.87
C THR A 105 10.40 12.29 37.65
N LEU A 106 10.51 11.17 36.95
CA LEU A 106 9.39 10.28 36.56
C LEU A 106 9.92 8.85 36.46
N THR A 107 9.22 7.88 37.06
CA THR A 107 9.58 6.45 37.08
C THR A 107 8.45 5.66 36.40
N LEU A 108 8.80 4.81 35.43
CA LEU A 108 7.91 3.86 34.72
C LEU A 108 8.36 2.43 35.04
N LYS A 109 7.40 1.51 35.21
CA LYS A 109 7.62 0.13 35.72
C LYS A 109 7.09 -0.89 34.71
N THR A 110 7.68 -2.07 34.67
CA THR A 110 7.16 -3.27 33.96
C THR A 110 7.36 -4.47 34.87
N ARG A 111 6.63 -5.55 34.57
CA ARG A 111 6.84 -6.91 35.15
C ARG A 111 7.02 -7.91 34.00
N GLN A 112 7.32 -7.42 32.78
CA GLN A 112 7.44 -8.25 31.56
C GLN A 112 8.74 -9.04 31.59
N PRO A 113 8.71 -10.39 31.57
CA PRO A 113 9.94 -11.17 31.43
C PRO A 113 10.48 -11.05 29.98
N MET A 114 11.75 -10.66 29.86
CA MET A 114 12.45 -10.46 28.56
C MET A 114 12.79 -11.82 27.95
N VAL A 115 12.95 -11.87 26.63
CA VAL A 115 13.48 -13.03 25.86
C VAL A 115 15.01 -12.92 25.85
N LYS A 116 15.71 -14.03 25.58
CA LYS A 116 17.18 -14.06 25.39
C LYS A 116 17.53 -13.10 24.24
N GLY A 117 18.58 -12.29 24.41
CA GLY A 117 19.10 -11.38 23.38
C GLY A 117 18.43 -10.02 23.39
N ILE A 118 18.06 -9.51 22.20
CA ILE A 118 17.59 -8.11 22.01
C ILE A 118 16.14 -7.98 22.50
N ASN A 119 15.88 -6.94 23.29
CA ASN A 119 14.52 -6.54 23.74
C ASN A 119 14.37 -5.05 23.52
N TYR A 120 13.20 -4.66 23.02
CA TYR A 120 12.87 -3.25 22.69
C TYR A 120 11.80 -2.74 23.65
N PHE A 121 12.09 -1.59 24.26
CA PHE A 121 11.08 -0.74 24.94
C PHE A 121 11.16 0.64 24.31
N TRP A 122 10.10 1.45 24.48
CA TRP A 122 10.13 2.89 24.11
C TRP A 122 9.20 3.68 25.02
N VAL A 123 9.46 4.99 25.09
CA VAL A 123 8.70 5.97 25.92
C VAL A 123 7.90 6.85 24.95
N SER A 124 6.58 6.87 25.12
CA SER A 124 5.63 7.75 24.41
C SER A 124 5.34 8.98 25.28
N VAL A 125 5.38 10.18 24.70
CA VAL A 125 4.88 11.44 25.33
C VAL A 125 3.60 11.84 24.58
N GLU A 126 2.55 12.12 25.34
CA GLU A 126 1.32 12.78 24.85
C GLU A 126 1.31 14.21 25.43
N MET A 127 1.12 15.19 24.55
CA MET A 127 1.06 16.62 24.94
C MET A 127 -0.42 17.01 25.05
N ASP A 128 -0.70 18.00 25.90
CA ASP A 128 -1.98 18.76 25.90
C ASP A 128 -2.19 19.27 24.46
N ARG A 129 -3.42 19.18 23.96
CA ARG A 129 -3.79 19.52 22.56
C ARG A 129 -3.55 21.01 22.30
N ASN A 130 -3.44 21.83 23.35
CA ASN A 130 -3.24 23.31 23.26
C ASN A 130 -1.78 23.67 23.57
N THR A 131 -0.88 22.68 23.61
CA THR A 131 0.57 22.87 23.89
C THR A 131 1.11 23.94 22.94
N SER A 132 1.94 24.85 23.44
CA SER A 132 2.63 25.88 22.64
C SER A 132 3.55 25.20 21.61
N LEU A 133 3.42 25.55 20.33
CA LEU A 133 4.28 25.03 19.23
C LEU A 133 5.75 25.43 19.46
N LEU A 134 6.00 26.48 20.27
CA LEU A 134 7.35 27.00 20.58
C LEU A 134 7.94 26.32 21.84
N SER A 135 7.19 25.44 22.49
N SER A 135 7.18 25.43 22.50
CA SER A 135 7.64 24.72 23.72
CA SER A 135 7.63 24.70 23.71
C SER A 135 8.71 23.70 23.35
C SER A 135 8.72 23.69 23.34
N LYS A 136 9.62 23.40 24.29
CA LYS A 136 10.69 22.40 24.12
C LYS A 136 10.78 21.52 25.37
N LEU A 137 11.12 20.24 25.18
CA LEU A 137 11.44 19.30 26.27
C LEU A 137 12.93 18.92 26.17
N THR A 138 13.63 19.01 27.30
CA THR A 138 15.01 18.51 27.49
C THR A 138 14.94 17.32 28.46
N SER A 139 14.84 16.12 27.90
CA SER A 139 14.56 14.87 28.62
C SER A 139 15.74 13.90 28.46
N THR A 140 16.04 13.17 29.53
CA THR A 140 17.14 12.18 29.64
C THR A 140 16.64 10.98 30.46
N VAL A 141 16.94 9.76 30.03
CA VAL A 141 16.85 8.55 30.90
C VAL A 141 18.07 8.58 31.82
N THR A 142 17.84 8.68 33.13
CA THR A 142 18.91 8.83 34.14
C THR A 142 19.17 7.49 34.85
N GLU A 143 18.16 6.61 34.93
CA GLU A 143 18.29 5.28 35.58
C GLU A 143 17.45 4.25 34.82
N VAL A 144 18.05 3.09 34.53
CA VAL A 144 17.35 1.86 34.07
C VAL A 144 17.71 0.75 35.06
N VAL A 145 16.71 0.14 35.69
CA VAL A 145 16.91 -0.95 36.69
C VAL A 145 16.45 -2.26 36.06
N ILE A 146 17.34 -3.26 36.03
CA ILE A 146 17.04 -4.65 35.57
C ILE A 146 17.43 -5.61 36.69
N ASN A 147 16.51 -6.50 37.06
CA ASN A 147 16.70 -7.49 38.16
C ASN A 147 17.22 -6.76 39.40
N ASP A 148 16.70 -5.56 39.67
CA ASP A 148 16.93 -4.76 40.90
C ASP A 148 18.40 -4.32 40.99
N LYS A 149 19.09 -4.24 39.85
CA LYS A 149 20.45 -3.64 39.71
C LYS A 149 20.37 -2.49 38.71
N PRO A 150 20.90 -1.29 39.04
CA PRO A 150 20.97 -0.22 38.05
C PRO A 150 21.88 -0.66 36.89
N ALA A 151 21.43 -0.52 35.64
CA ALA A 151 22.20 -0.92 34.43
C ALA A 151 23.00 0.30 33.92
N VAL A 152 24.11 0.03 33.21
CA VAL A 152 24.96 1.05 32.54
C VAL A 152 24.21 1.58 31.31
N ILE A 153 24.01 2.89 31.25
CA ILE A 153 23.28 3.58 30.14
C ILE A 153 24.31 4.12 29.15
N ALA A 154 24.10 3.86 27.85
CA ALA A 154 24.90 4.41 26.73
C ALA A 154 23.94 5.03 25.70
N GLY A 155 24.47 5.93 24.87
CA GLY A 155 23.77 6.50 23.70
C GLY A 155 23.69 8.02 23.75
N GLU A 156 23.61 8.65 22.57
CA GLU A 156 23.33 10.10 22.43
C GLU A 156 21.83 10.31 22.64
N GLN A 157 21.45 10.99 23.72
CA GLN A 157 20.03 11.23 24.11
C GLN A 157 19.83 12.68 24.60
N ALA A 158 20.72 13.59 24.22
CA ALA A 158 20.77 15.00 24.70
C ALA A 158 20.02 15.94 23.74
N ALA A 159 19.17 15.43 22.85
CA ALA A 159 18.38 16.23 21.89
C ALA A 159 17.45 17.16 22.66
N VAL A 160 17.32 18.41 22.21
CA VAL A 160 16.25 19.34 22.67
C VAL A 160 15.05 19.11 21.76
N ARG A 161 13.98 18.50 22.29
CA ARG A 161 12.83 18.05 21.48
C ARG A 161 11.88 19.23 21.25
N ARG A 162 11.37 19.32 20.00
CA ARG A 162 10.47 20.41 19.55
C ARG A 162 9.07 19.83 19.33
N MET A 163 8.07 20.71 19.38
CA MET A 163 6.65 20.41 19.13
C MET A 163 6.34 20.63 17.64
N GLY A 164 5.23 20.06 17.17
CA GLY A 164 4.67 20.32 15.83
C GLY A 164 3.20 19.95 15.81
N ILE A 165 2.54 20.15 14.68
CA ILE A 165 1.11 19.75 14.53
C ILE A 165 0.95 19.06 13.16
N GLY A 166 0.33 17.87 13.19
CA GLY A 166 -0.12 17.14 12.00
C GLY A 166 -1.34 17.78 11.39
N VAL A 167 -1.16 18.76 10.50
CA VAL A 167 -2.26 19.49 9.81
C VAL A 167 -3.03 18.51 8.92
N ARG A 168 -2.33 17.58 8.24
CA ARG A 168 -2.96 16.47 7.47
C ARG A 168 -2.26 15.15 7.80
N HIS A 169 -3.05 14.15 8.20
CA HIS A 169 -2.59 12.76 8.36
C HIS A 169 -3.17 11.93 7.22
N ALA A 170 -2.46 10.88 6.80
CA ALA A 170 -2.94 9.88 5.83
C ALA A 170 -4.34 9.43 6.24
N GLY A 171 -5.31 9.45 5.33
CA GLY A 171 -6.68 8.98 5.60
C GLY A 171 -7.64 10.10 5.95
N ASP A 172 -7.14 11.28 6.36
CA ASP A 172 -8.00 12.44 6.74
C ASP A 172 -8.95 12.78 5.58
N ASP A 173 -10.24 12.99 5.91
CA ASP A 173 -11.32 13.38 4.95
C ASP A 173 -11.38 12.39 3.78
N GLY A 174 -11.01 11.14 4.01
CA GLY A 174 -11.17 10.04 3.04
C GLY A 174 -10.02 9.95 2.05
N SER A 175 -9.04 10.86 2.11
CA SER A 175 -7.87 10.89 1.20
C SER A 175 -6.79 9.96 1.70
N ALA A 176 -6.32 9.06 0.84
CA ALA A 176 -5.20 8.12 1.09
C ALA A 176 -3.96 8.89 1.57
N SER A 177 -3.62 10.00 0.91
CA SER A 177 -2.37 10.75 1.21
C SER A 177 -2.49 12.23 0.87
N PHE A 178 -1.53 13.00 1.35
CA PHE A 178 -1.35 14.45 1.11
C PHE A 178 0.13 14.67 0.80
N ARG A 179 0.44 15.45 -0.23
CA ARG A 179 1.84 15.70 -0.66
C ARG A 179 1.98 17.12 -1.22
N ILE A 180 3.22 17.58 -1.32
CA ILE A 180 3.67 18.80 -2.03
C ILE A 180 3.17 20.03 -1.27
N PRO A 181 3.82 20.40 -0.15
CA PRO A 181 3.45 21.57 0.65
C PRO A 181 3.82 22.93 0.06
N GLY A 182 2.94 23.90 0.24
CA GLY A 182 3.19 25.34 0.01
C GLY A 182 2.67 26.11 1.19
N LEU A 183 3.35 27.20 1.58
CA LEU A 183 2.98 28.01 2.76
C LEU A 183 3.28 29.49 2.48
N VAL A 184 2.30 30.34 2.82
CA VAL A 184 2.46 31.82 2.85
C VAL A 184 1.84 32.33 4.15
N THR A 185 2.20 33.57 4.49
CA THR A 185 1.58 34.36 5.57
C THR A 185 0.92 35.54 4.87
N THR A 186 -0.39 35.70 5.04
CA THR A 186 -1.16 36.83 4.45
C THR A 186 -0.77 38.09 5.22
N ASN A 187 -1.19 39.26 4.72
CA ASN A 187 -0.97 40.58 5.37
C ASN A 187 -1.74 40.65 6.70
N LYS A 188 -2.65 39.70 6.96
CA LYS A 188 -3.43 39.62 8.22
C LYS A 188 -2.78 38.63 9.20
N GLY A 189 -1.61 38.08 8.88
CA GLY A 189 -0.89 37.11 9.73
C GLY A 189 -1.49 35.71 9.64
N THR A 190 -2.38 35.46 8.69
CA THR A 190 -3.03 34.14 8.45
C THR A 190 -2.07 33.22 7.71
N LEU A 191 -1.84 32.01 8.24
CA LEU A 191 -1.04 30.95 7.57
C LEU A 191 -1.94 30.23 6.58
N LEU A 192 -1.52 30.15 5.32
CA LEU A 192 -2.21 29.35 4.27
C LEU A 192 -1.25 28.26 3.77
N GLY A 193 -1.60 27.00 4.05
CA GLY A 193 -0.85 25.83 3.57
C GLY A 193 -1.61 25.09 2.49
N VAL A 194 -0.99 24.87 1.32
CA VAL A 194 -1.61 24.13 0.19
C VAL A 194 -0.87 22.80 0.02
N TYR A 195 -1.55 21.83 -0.61
CA TYR A 195 -1.06 20.45 -0.81
C TYR A 195 -1.95 19.72 -1.81
N ASP A 196 -1.39 18.71 -2.47
CA ASP A 196 -2.13 17.64 -3.19
C ASP A 196 -3.02 16.90 -2.19
N VAL A 197 -4.29 16.76 -2.50
CA VAL A 197 -5.18 15.74 -1.89
C VAL A 197 -5.16 14.54 -2.85
N ARG A 198 -4.41 13.50 -2.50
CA ARG A 198 -4.19 12.29 -3.35
C ARG A 198 -5.10 11.20 -2.82
N TYR A 199 -6.30 11.10 -3.40
CA TYR A 199 -7.45 10.33 -2.84
C TYR A 199 -7.17 8.83 -2.87
N ASN A 200 -6.71 8.28 -3.99
CA ASN A 200 -6.63 6.82 -4.25
C ASN A 200 -5.36 6.20 -3.64
N ASN A 201 -4.26 6.97 -3.56
CA ASN A 201 -2.91 6.45 -3.23
C ASN A 201 -1.96 7.65 -3.20
N SER A 202 -0.64 7.43 -3.27
CA SER A 202 0.36 8.52 -3.11
C SER A 202 1.13 8.78 -4.41
N VAL A 203 0.70 8.21 -5.54
CA VAL A 203 1.43 8.39 -6.82
C VAL A 203 1.15 9.79 -7.37
N ASP A 204 2.08 10.32 -8.17
CA ASP A 204 2.01 11.64 -8.83
C ASP A 204 0.89 11.61 -9.86
N LEU A 205 0.46 12.79 -10.31
CA LEU A 205 -0.36 12.94 -11.54
C LEU A 205 0.19 12.02 -12.62
N GLN A 206 -0.66 11.42 -13.47
CA GLN A 206 -2.11 11.57 -13.46
C GLN A 206 -2.72 10.67 -12.38
N GLU A 207 -3.68 11.20 -11.62
CA GLU A 207 -4.56 10.44 -10.69
C GLU A 207 -5.69 11.36 -10.20
N HIS A 208 -6.58 10.84 -9.35
CA HIS A 208 -7.63 11.63 -8.67
C HIS A 208 -6.96 12.51 -7.61
N ILE A 209 -6.63 13.73 -7.97
CA ILE A 209 -5.88 14.68 -7.08
C ILE A 209 -6.54 16.05 -7.18
N ASP A 210 -6.85 16.65 -6.03
CA ASP A 210 -7.30 18.07 -5.91
C ASP A 210 -6.23 18.85 -5.16
N VAL A 211 -6.31 20.18 -5.19
CA VAL A 211 -5.47 21.08 -4.33
C VAL A 211 -6.27 21.41 -3.07
N GLY A 212 -5.81 20.95 -1.91
CA GLY A 212 -6.39 21.27 -0.59
C GLY A 212 -5.75 22.51 0.00
N LEU A 213 -6.42 23.15 0.97
CA LEU A 213 -5.87 24.32 1.71
C LEU A 213 -6.30 24.27 3.17
N SER A 214 -5.33 24.37 4.09
CA SER A 214 -5.55 24.52 5.55
C SER A 214 -5.22 25.96 5.96
N ARG A 215 -6.11 26.57 6.76
CA ARG A 215 -6.05 28.00 7.18
C ARG A 215 -5.90 28.07 8.70
N SER A 216 -4.96 28.89 9.20
CA SER A 216 -4.73 29.16 10.64
C SER A 216 -4.62 30.66 10.91
N THR A 217 -5.45 31.18 11.81
CA THR A 217 -5.46 32.62 12.22
C THR A 217 -4.77 32.76 13.59
N ASP A 218 -4.15 31.70 14.11
CA ASP A 218 -3.48 31.71 15.44
C ASP A 218 -2.07 31.11 15.34
N LYS A 219 -1.37 31.39 14.24
CA LYS A 219 0.07 31.07 14.05
C LYS A 219 0.29 29.56 14.14
N GLY A 220 -0.72 28.77 13.72
CA GLY A 220 -0.60 27.32 13.50
C GLY A 220 -1.06 26.46 14.66
N GLN A 221 -1.48 27.05 15.79
CA GLN A 221 -1.98 26.27 16.97
C GLN A 221 -3.24 25.49 16.57
N THR A 222 -4.10 26.10 15.75
CA THR A 222 -5.34 25.46 15.23
C THR A 222 -5.47 25.74 13.73
N TRP A 223 -6.07 24.79 13.02
CA TRP A 223 -6.25 24.82 11.55
C TRP A 223 -7.74 24.60 11.24
N GLU A 224 -8.31 25.45 10.40
CA GLU A 224 -9.72 25.36 9.97
C GLU A 224 -9.87 24.10 9.12
N PRO A 225 -11.09 23.53 8.98
CA PRO A 225 -11.29 22.38 8.09
C PRO A 225 -10.72 22.61 6.69
N MET A 226 -10.24 21.53 6.07
CA MET A 226 -9.65 21.55 4.71
C MET A 226 -10.67 22.14 3.72
N ARG A 227 -10.25 23.13 2.94
CA ARG A 227 -10.96 23.68 1.77
C ARG A 227 -10.32 23.08 0.50
N ILE A 228 -11.12 22.80 -0.52
CA ILE A 228 -10.63 22.45 -1.88
C ILE A 228 -10.44 23.75 -2.64
N ALA A 229 -9.18 24.15 -2.84
CA ALA A 229 -8.78 25.39 -3.53
C ALA A 229 -8.92 25.22 -5.05
N MET A 230 -8.67 24.01 -5.56
CA MET A 230 -8.76 23.73 -7.02
C MET A 230 -9.07 22.25 -7.26
N SER A 231 -9.94 21.98 -8.24
CA SER A 231 -10.50 20.63 -8.54
C SER A 231 -11.12 20.63 -9.94
N PHE A 232 -11.02 19.51 -10.69
CA PHE A 232 -11.59 19.45 -12.07
C PHE A 232 -12.60 18.31 -12.21
N GLY A 233 -12.92 17.61 -11.12
CA GLY A 233 -13.95 16.56 -11.09
C GLY A 233 -14.02 15.80 -12.40
N GLU A 234 -15.16 15.82 -13.08
CA GLU A 234 -15.42 15.05 -14.33
C GLU A 234 -15.49 16.00 -15.53
N THR A 235 -14.61 17.00 -15.59
CA THR A 235 -14.49 17.94 -16.74
C THR A 235 -14.53 17.14 -18.04
N ASP A 236 -15.39 17.54 -19.00
CA ASP A 236 -15.51 17.00 -20.37
C ASP A 236 -16.00 15.55 -20.37
N GLY A 237 -16.47 15.05 -19.22
CA GLY A 237 -17.02 13.70 -19.07
C GLY A 237 -15.93 12.65 -18.88
N LEU A 238 -14.68 13.08 -18.68
CA LEU A 238 -13.56 12.17 -18.30
C LEU A 238 -13.58 11.92 -16.80
N PRO A 239 -13.25 10.70 -16.34
CA PRO A 239 -13.25 10.40 -14.91
C PRO A 239 -12.35 11.38 -14.14
N SER A 240 -12.63 11.56 -12.84
CA SER A 240 -11.86 12.44 -11.92
C SER A 240 -10.42 11.93 -11.83
N GLY A 241 -10.23 10.62 -12.03
CA GLY A 241 -8.90 9.97 -12.06
C GLY A 241 -8.06 10.37 -13.26
N GLN A 242 -8.69 10.95 -14.29
CA GLN A 242 -8.02 11.50 -15.49
C GLN A 242 -8.29 13.01 -15.55
N ASN A 243 -8.41 13.66 -14.39
CA ASN A 243 -8.67 15.10 -14.24
C ASN A 243 -7.96 15.66 -12.99
N GLY A 244 -6.88 15.03 -12.56
CA GLY A 244 -6.08 15.47 -11.40
C GLY A 244 -5.51 16.86 -11.59
N VAL A 245 -5.38 17.61 -10.49
CA VAL A 245 -4.64 18.90 -10.45
C VAL A 245 -3.80 18.93 -9.17
N GLY A 246 -2.54 19.33 -9.27
CA GLY A 246 -1.63 19.28 -8.10
C GLY A 246 -0.29 19.93 -8.35
N ASP A 247 0.67 19.63 -7.47
CA ASP A 247 2.00 20.28 -7.39
C ASP A 247 1.83 21.77 -7.15
N PRO A 248 0.99 22.20 -6.18
CA PRO A 248 0.65 23.61 -6.05
C PRO A 248 1.82 24.51 -5.60
N SER A 249 1.78 25.77 -6.04
CA SER A 249 2.63 26.88 -5.58
C SER A 249 1.70 28.04 -5.22
N ILE A 250 1.88 28.61 -4.03
CA ILE A 250 1.03 29.70 -3.47
C ILE A 250 1.91 30.94 -3.25
N LEU A 251 1.37 32.13 -3.55
CA LEU A 251 2.02 33.42 -3.16
C LEU A 251 0.95 34.42 -2.72
N VAL A 252 1.35 35.35 -1.84
CA VAL A 252 0.54 36.51 -1.41
C VAL A 252 1.01 37.71 -2.24
N ASP A 253 0.10 38.34 -2.97
CA ASP A 253 0.33 39.68 -3.56
C ASP A 253 0.32 40.68 -2.38
N GLU A 254 1.51 41.07 -1.89
CA GLU A 254 1.67 41.80 -0.62
C GLU A 254 1.07 43.21 -0.74
N ARG A 255 0.93 43.73 -1.97
CA ARG A 255 0.31 45.05 -2.24
C ARG A 255 -1.19 45.00 -1.92
N THR A 256 -1.88 43.92 -2.29
CA THR A 256 -3.38 43.81 -2.26
C THR A 256 -3.85 42.79 -1.22
N ASN A 257 -2.96 41.90 -0.75
CA ASN A 257 -3.31 40.70 0.07
C ASN A 257 -4.11 39.68 -0.76
N THR A 258 -4.21 39.87 -2.08
CA THR A 258 -4.79 38.84 -2.98
C THR A 258 -3.84 37.63 -2.95
N VAL A 259 -4.37 36.45 -2.59
CA VAL A 259 -3.60 35.17 -2.56
C VAL A 259 -3.82 34.44 -3.88
N TRP A 260 -2.76 33.88 -4.46
CA TRP A 260 -2.78 33.16 -5.77
C TRP A 260 -2.23 31.74 -5.59
N VAL A 261 -2.92 30.76 -6.17
CA VAL A 261 -2.47 29.34 -6.22
C VAL A 261 -2.42 28.88 -7.68
N VAL A 262 -1.22 28.49 -8.14
CA VAL A 262 -0.97 27.91 -9.48
C VAL A 262 -0.71 26.41 -9.34
N ALA A 263 -1.22 25.63 -10.28
CA ALA A 263 -1.19 24.16 -10.23
C ALA A 263 -1.31 23.58 -11.64
N ALA A 264 -0.93 22.32 -11.80
CA ALA A 264 -0.89 21.58 -13.08
C ALA A 264 -2.13 20.67 -13.15
N TRP A 265 -2.99 20.91 -14.13
CA TRP A 265 -4.18 20.07 -14.40
C TRP A 265 -3.82 19.11 -15.54
N THR A 266 -3.84 17.81 -15.25
CA THR A 266 -3.63 16.76 -16.26
C THR A 266 -5.02 16.19 -16.59
N HIS A 267 -5.36 16.23 -17.89
CA HIS A 267 -6.63 15.78 -18.50
C HIS A 267 -6.34 14.62 -19.46
N GLY A 268 -6.86 13.43 -19.17
CA GLY A 268 -6.59 12.20 -19.93
C GLY A 268 -5.42 11.42 -19.35
N MET A 269 -4.52 10.92 -20.21
CA MET A 269 -3.19 10.34 -19.87
C MET A 269 -3.32 8.99 -19.15
N GLY A 270 -4.45 8.30 -19.30
CA GLY A 270 -4.70 7.01 -18.63
C GLY A 270 -4.40 7.12 -17.15
N ASN A 271 -3.70 6.14 -16.60
CA ASN A 271 -3.34 6.08 -15.16
C ASN A 271 -1.82 6.06 -15.04
N ALA A 272 -1.13 6.86 -15.87
CA ALA A 272 0.36 6.89 -15.96
C ALA A 272 0.86 8.25 -15.45
N ARG A 273 2.18 8.35 -15.26
CA ARG A 273 2.82 9.57 -14.71
C ARG A 273 2.86 10.62 -15.82
N ALA A 274 2.35 11.81 -15.53
CA ALA A 274 2.34 12.99 -16.42
C ALA A 274 3.78 13.38 -16.79
N TRP A 275 4.74 13.22 -15.87
CA TRP A 275 6.16 13.60 -16.09
C TRP A 275 6.71 13.00 -17.39
N THR A 276 6.31 11.78 -17.74
CA THR A 276 6.77 11.06 -18.96
C THR A 276 5.65 11.00 -20.02
N ASN A 277 4.43 11.39 -19.70
CA ASN A 277 3.26 11.19 -20.61
C ASN A 277 2.63 12.49 -21.08
N SER A 278 2.89 13.64 -20.43
CA SER A 278 2.52 14.96 -20.99
C SER A 278 3.31 15.16 -22.29
N MET A 279 2.68 15.69 -23.33
CA MET A 279 3.27 15.73 -24.69
C MET A 279 3.18 17.16 -25.23
N PRO A 280 3.98 17.50 -26.28
CA PRO A 280 3.88 18.82 -26.92
C PRO A 280 2.45 19.21 -27.33
N GLY A 281 2.21 20.51 -27.51
CA GLY A 281 0.90 21.08 -27.86
C GLY A 281 0.43 22.08 -26.82
N MET A 282 -0.87 22.37 -26.78
CA MET A 282 -1.46 23.48 -25.99
C MET A 282 -2.80 23.10 -25.34
N THR A 283 -3.61 22.26 -25.97
CA THR A 283 -4.99 21.95 -25.50
C THR A 283 -4.92 21.03 -24.29
N PRO A 284 -5.97 21.01 -23.44
CA PRO A 284 -6.05 20.07 -22.32
C PRO A 284 -5.89 18.59 -22.74
N ASP A 285 -6.33 18.24 -23.95
CA ASP A 285 -6.23 16.84 -24.47
C ASP A 285 -4.77 16.52 -24.81
N GLU A 286 -3.94 17.53 -25.08
CA GLU A 286 -2.57 17.37 -25.64
C GLU A 286 -1.52 17.36 -24.51
N THR A 287 -1.64 18.26 -23.54
CA THR A 287 -0.55 18.64 -22.61
C THR A 287 -1.14 19.13 -21.29
N ALA A 288 -0.38 18.99 -20.20
CA ALA A 288 -0.72 19.54 -18.88
C ALA A 288 -1.00 21.03 -19.02
N GLN A 289 -1.99 21.52 -18.26
CA GLN A 289 -2.47 22.92 -18.30
C GLN A 289 -2.04 23.64 -17.03
N LEU A 290 -1.60 24.89 -17.17
CA LEU A 290 -1.21 25.78 -16.04
C LEU A 290 -2.45 26.57 -15.57
N MET A 291 -2.98 26.23 -14.40
CA MET A 291 -4.29 26.71 -13.88
C MET A 291 -4.06 27.56 -12.63
N MET A 292 -4.85 28.61 -12.45
CA MET A 292 -4.70 29.55 -11.30
C MET A 292 -6.07 29.87 -10.70
N VAL A 293 -6.11 29.92 -9.37
CA VAL A 293 -7.24 30.42 -8.55
C VAL A 293 -6.70 31.56 -7.69
N LYS A 294 -7.60 32.41 -7.18
CA LYS A 294 -7.25 33.53 -6.26
C LYS A 294 -8.28 33.60 -5.14
N SER A 295 -7.85 34.12 -3.99
CA SER A 295 -8.69 34.46 -2.83
C SER A 295 -8.50 35.94 -2.53
N THR A 296 -9.61 36.66 -2.37
CA THR A 296 -9.65 38.10 -2.05
C THR A 296 -10.15 38.27 -0.61
N ASP A 297 -10.39 37.17 0.10
CA ASP A 297 -10.93 37.17 1.48
C ASP A 297 -10.01 36.36 2.41
N ASP A 298 -8.69 36.54 2.26
CA ASP A 298 -7.65 35.99 3.16
C ASP A 298 -7.70 34.45 3.16
N GLY A 299 -8.01 33.87 2.00
CA GLY A 299 -7.95 32.41 1.78
C GLY A 299 -9.18 31.67 2.26
N ARG A 300 -10.28 32.37 2.54
CA ARG A 300 -11.53 31.73 3.03
C ARG A 300 -12.29 31.10 1.86
N THR A 301 -12.34 31.78 0.70
CA THR A 301 -13.02 31.30 -0.53
C THR A 301 -12.11 31.49 -1.74
N TRP A 302 -12.31 30.70 -2.79
CA TRP A 302 -11.40 30.62 -3.95
C TRP A 302 -12.16 30.77 -5.27
N SER A 303 -11.63 31.59 -6.19
CA SER A 303 -12.19 31.81 -7.54
C SER A 303 -12.25 30.47 -8.29
N GLU A 304 -13.06 30.41 -9.34
CA GLU A 304 -12.95 29.35 -10.38
C GLU A 304 -11.57 29.48 -11.01
N SER A 305 -11.03 28.40 -11.57
CA SER A 305 -9.67 28.37 -12.15
C SER A 305 -9.66 29.14 -13.47
N THR A 306 -8.59 29.89 -13.74
CA THR A 306 -8.29 30.50 -15.05
C THR A 306 -7.14 29.68 -15.68
N ASN A 307 -7.19 29.49 -16.99
CA ASN A 307 -6.18 28.74 -17.78
C ASN A 307 -5.16 29.72 -18.37
N ILE A 308 -3.91 29.65 -17.91
CA ILE A 308 -2.80 30.58 -18.21
C ILE A 308 -1.90 29.98 -19.30
N THR A 309 -2.12 28.72 -19.67
CA THR A 309 -1.23 27.93 -20.56
C THR A 309 -0.84 28.77 -21.79
N SER A 310 -1.82 29.32 -22.52
CA SER A 310 -1.61 30.05 -23.80
C SER A 310 -0.62 31.22 -23.63
N GLN A 311 -0.57 31.85 -22.46
CA GLN A 311 0.26 33.07 -22.22
C GLN A 311 1.75 32.73 -22.17
N VAL A 312 2.14 31.56 -21.65
CA VAL A 312 3.54 31.30 -21.20
C VAL A 312 4.11 29.98 -21.74
N LYS A 313 3.30 29.02 -22.17
CA LYS A 313 3.82 27.71 -22.66
C LYS A 313 4.21 27.82 -24.13
N ASP A 314 5.47 27.52 -24.45
CA ASP A 314 5.95 27.15 -25.80
C ASP A 314 5.24 25.86 -26.24
N PRO A 315 4.63 25.83 -27.45
CA PRO A 315 4.02 24.60 -27.96
C PRO A 315 4.91 23.35 -28.01
N SER A 316 6.23 23.50 -28.19
CA SER A 316 7.18 22.38 -28.37
C SER A 316 7.51 21.70 -27.03
N TRP A 317 7.26 22.37 -25.90
CA TRP A 317 7.51 21.80 -24.55
C TRP A 317 6.57 20.61 -24.33
N CYS A 318 7.05 19.53 -23.73
CA CYS A 318 6.23 18.35 -23.36
C CYS A 318 5.36 18.69 -22.15
N PHE A 319 5.82 19.62 -21.31
CA PHE A 319 5.26 19.86 -19.95
C PHE A 319 5.75 21.22 -19.42
N LEU A 320 4.82 22.13 -19.12
CA LEU A 320 5.08 23.35 -18.33
C LEU A 320 4.26 23.27 -17.05
N LEU A 321 4.92 23.47 -15.90
CA LEU A 321 4.24 23.61 -14.59
C LEU A 321 5.06 24.51 -13.66
N GLN A 322 4.38 25.03 -12.63
CA GLN A 322 4.96 25.75 -11.47
C GLN A 322 5.99 24.84 -10.77
N GLY A 323 7.01 25.46 -10.18
CA GLY A 323 7.80 24.84 -9.11
C GLY A 323 6.92 24.74 -7.86
N PRO A 324 6.75 23.55 -7.26
CA PRO A 324 5.92 23.43 -6.08
C PRO A 324 6.49 24.26 -4.91
N GLY A 325 5.60 24.74 -4.05
CA GLY A 325 5.92 25.48 -2.82
C GLY A 325 5.25 26.84 -2.82
N ARG A 326 6.02 27.89 -3.06
CA ARG A 326 5.52 29.28 -3.02
C ARG A 326 6.20 30.14 -4.08
N GLY A 327 5.57 31.27 -4.36
CA GLY A 327 6.11 32.39 -5.15
C GLY A 327 6.26 33.59 -4.24
N ILE A 328 6.62 34.75 -4.80
CA ILE A 328 6.91 35.98 -4.01
C ILE A 328 6.23 37.18 -4.67
N THR A 329 6.06 38.25 -3.88
CA THR A 329 6.01 39.66 -4.33
C THR A 329 7.42 40.24 -4.15
N MET A 330 7.95 40.90 -5.19
CA MET A 330 9.21 41.67 -5.12
C MET A 330 8.89 43.06 -4.55
N ARG A 331 9.90 43.82 -4.14
CA ARG A 331 9.77 45.17 -3.52
C ARG A 331 9.02 46.12 -4.45
N ASP A 332 9.21 45.97 -5.78
CA ASP A 332 8.56 46.80 -6.83
C ASP A 332 7.16 46.25 -7.18
N GLY A 333 6.68 45.23 -6.47
CA GLY A 333 5.30 44.73 -6.62
C GLY A 333 5.12 43.68 -7.72
N THR A 334 6.20 43.27 -8.38
CA THR A 334 6.18 42.14 -9.35
C THR A 334 5.86 40.83 -8.61
N LEU A 335 4.87 40.07 -9.08
CA LEU A 335 4.56 38.71 -8.58
C LEU A 335 5.44 37.72 -9.35
N VAL A 336 6.11 36.79 -8.66
CA VAL A 336 7.03 35.79 -9.29
C VAL A 336 6.72 34.40 -8.74
N PHE A 337 6.41 33.45 -9.64
CA PHE A 337 6.29 31.99 -9.40
C PHE A 337 7.45 31.28 -10.10
N PRO A 338 8.21 30.44 -9.39
CA PRO A 338 9.15 29.52 -10.05
C PRO A 338 8.35 28.59 -10.96
N ILE A 339 8.93 28.24 -12.11
CA ILE A 339 8.34 27.29 -13.10
C ILE A 339 9.42 26.32 -13.56
N GLN A 340 8.99 25.28 -14.26
CA GLN A 340 9.86 24.22 -14.83
C GLN A 340 9.20 23.71 -16.11
N PHE A 341 9.98 23.47 -17.16
CA PHE A 341 9.46 22.92 -18.43
C PHE A 341 10.38 21.79 -18.90
N ILE A 342 9.76 20.77 -19.48
CA ILE A 342 10.42 19.68 -20.26
C ILE A 342 10.42 20.13 -21.73
N ASP A 343 11.60 20.21 -22.35
CA ASP A 343 11.76 20.67 -23.75
C ASP A 343 11.43 19.50 -24.69
N SER A 344 11.45 19.76 -26.00
CA SER A 344 11.06 18.80 -27.06
C SER A 344 11.90 17.52 -26.97
N LEU A 345 13.10 17.58 -26.36
CA LEU A 345 14.04 16.43 -26.26
C LEU A 345 13.97 15.80 -24.85
N ARG A 346 12.91 16.09 -24.09
CA ARG A 346 12.63 15.54 -22.73
C ARG A 346 13.68 16.02 -21.71
N VAL A 347 14.31 17.17 -21.93
CA VAL A 347 15.29 17.75 -20.96
C VAL A 347 14.59 18.80 -20.11
N PRO A 348 14.57 18.64 -18.77
CA PRO A 348 13.91 19.60 -17.89
C PRO A 348 14.78 20.84 -17.60
N HIS A 349 14.13 22.00 -17.47
CA HIS A 349 14.76 23.31 -17.17
C HIS A 349 13.94 24.05 -16.11
N ALA A 350 14.58 24.61 -15.09
CA ALA A 350 13.96 25.50 -14.09
C ALA A 350 14.03 26.94 -14.61
N GLY A 351 13.06 27.76 -14.24
CA GLY A 351 13.02 29.20 -14.57
C GLY A 351 12.05 29.94 -13.69
N ILE A 352 11.71 31.17 -14.07
CA ILE A 352 10.70 31.98 -13.33
C ILE A 352 9.66 32.52 -14.30
N MET A 353 8.46 32.69 -13.77
CA MET A 353 7.27 33.30 -14.43
C MET A 353 6.85 34.47 -13.54
N TYR A 354 6.52 35.62 -14.12
CA TYR A 354 6.19 36.84 -13.33
C TYR A 354 5.03 37.59 -13.98
N SER A 355 4.29 38.33 -13.15
CA SER A 355 3.23 39.31 -13.51
C SER A 355 3.66 40.68 -13.00
N LYS A 356 3.53 41.72 -13.84
CA LYS A 356 3.78 43.13 -13.43
C LYS A 356 2.45 43.86 -13.28
N ASP A 357 1.32 43.15 -13.42
CA ASP A 357 -0.04 43.75 -13.49
C ASP A 357 -0.99 43.04 -12.51
N ARG A 358 -0.53 42.72 -11.29
CA ARG A 358 -1.35 42.18 -10.17
C ARG A 358 -1.84 40.75 -10.46
N GLY A 359 -1.25 40.07 -11.45
CA GLY A 359 -1.57 38.67 -11.78
C GLY A 359 -2.49 38.55 -12.97
N GLU A 360 -2.62 39.62 -13.77
CA GLU A 360 -3.50 39.66 -14.96
C GLU A 360 -2.83 38.91 -16.12
N THR A 361 -1.56 39.20 -16.41
CA THR A 361 -0.78 38.54 -17.48
C THR A 361 0.56 38.04 -16.90
N TRP A 362 1.03 36.90 -17.40
CA TRP A 362 2.26 36.22 -16.94
C TRP A 362 3.22 36.02 -18.12
N HIS A 363 4.53 36.02 -17.83
CA HIS A 363 5.62 35.98 -18.82
C HIS A 363 6.72 35.03 -18.33
N ILE A 364 7.31 34.25 -19.24
CA ILE A 364 8.55 33.46 -19.01
C ILE A 364 9.56 33.85 -20.08
N HIS A 365 10.81 34.09 -19.69
CA HIS A 365 11.93 34.42 -20.61
C HIS A 365 12.78 33.16 -20.81
N GLN A 366 14.00 33.10 -20.27
CA GLN A 366 14.97 32.01 -20.53
C GLN A 366 15.05 31.10 -19.32
N PRO A 367 15.32 29.79 -19.52
CA PRO A 367 15.61 28.88 -18.42
C PRO A 367 16.93 29.28 -17.76
N ALA A 368 17.09 28.94 -16.49
CA ALA A 368 18.29 29.24 -15.68
C ALA A 368 19.39 28.20 -15.96
N ARG A 369 19.03 26.93 -16.08
CA ARG A 369 20.00 25.81 -16.07
C ARG A 369 19.37 24.55 -16.64
N THR A 370 20.15 23.81 -17.43
CA THR A 370 19.81 22.50 -18.03
C THR A 370 19.70 21.44 -16.92
N ASN A 371 18.75 20.51 -17.07
CA ASN A 371 18.60 19.33 -16.17
C ASN A 371 18.37 19.77 -14.73
N THR A 372 17.57 20.82 -14.54
CA THR A 372 16.97 21.19 -13.24
C THR A 372 15.44 21.09 -13.35
N THR A 373 14.75 20.97 -12.22
CA THR A 373 13.27 20.83 -12.18
C THR A 373 12.69 21.82 -11.17
N GLU A 374 12.39 21.34 -9.97
CA GLU A 374 11.74 22.11 -8.89
C GLU A 374 12.72 23.18 -8.40
N ALA A 375 12.27 24.43 -8.33
CA ALA A 375 13.07 25.58 -7.86
C ALA A 375 12.18 26.48 -6.98
N GLN A 376 12.81 27.27 -6.11
CA GLN A 376 12.16 28.34 -5.30
C GLN A 376 13.00 29.61 -5.48
N VAL A 377 12.34 30.76 -5.50
CA VAL A 377 12.98 32.07 -5.83
C VAL A 377 12.82 33.00 -4.62
N ALA A 378 13.85 33.81 -4.35
CA ALA A 378 13.85 34.86 -3.30
C ALA A 378 14.54 36.10 -3.88
N GLU A 379 14.03 37.28 -3.51
CA GLU A 379 14.62 38.58 -3.89
C GLU A 379 15.69 38.93 -2.85
N VAL A 380 16.92 38.43 -3.06
CA VAL A 380 18.06 38.52 -2.09
C VAL A 380 18.47 39.98 -1.89
N GLU A 381 18.33 40.80 -2.93
CA GLU A 381 18.60 42.25 -2.89
C GLU A 381 17.66 42.92 -3.88
N PRO A 382 17.41 44.23 -3.76
CA PRO A 382 16.43 44.90 -4.62
C PRO A 382 16.68 44.61 -6.12
N GLY A 383 15.69 44.04 -6.81
CA GLY A 383 15.72 43.74 -8.25
C GLY A 383 16.59 42.54 -8.59
N VAL A 384 17.03 41.76 -7.58
CA VAL A 384 18.00 40.64 -7.73
C VAL A 384 17.34 39.34 -7.25
N LEU A 385 16.99 38.46 -8.18
CA LEU A 385 16.31 37.17 -7.90
C LEU A 385 17.35 36.05 -7.84
N MET A 386 17.33 35.29 -6.75
CA MET A 386 18.10 34.04 -6.57
C MET A 386 17.18 32.84 -6.84
N LEU A 387 17.45 32.06 -7.88
CA LEU A 387 16.73 30.79 -8.15
C LEU A 387 17.56 29.63 -7.59
N ASN A 388 16.96 28.87 -6.67
CA ASN A 388 17.56 27.71 -5.99
C ASN A 388 16.87 26.45 -6.51
N MET A 389 17.63 25.54 -7.14
CA MET A 389 17.13 24.51 -8.09
C MET A 389 17.52 23.09 -7.66
N ARG A 390 16.53 22.18 -7.71
CA ARG A 390 16.72 20.71 -7.73
C ARG A 390 17.51 20.34 -9.00
N ASP A 391 18.60 19.59 -8.86
CA ASP A 391 19.56 19.30 -9.95
C ASP A 391 19.65 17.79 -10.13
N ASN A 392 19.36 17.31 -11.34
CA ASN A 392 19.32 15.85 -11.66
C ASN A 392 20.74 15.26 -11.60
N ARG A 393 21.77 16.11 -11.58
CA ARG A 393 23.19 15.66 -11.50
C ARG A 393 23.50 15.07 -10.13
N GLY A 394 22.71 15.40 -9.09
CA GLY A 394 22.81 14.85 -7.73
C GLY A 394 23.80 15.61 -6.87
N GLY A 395 23.68 15.48 -5.54
CA GLY A 395 24.69 15.95 -4.57
C GLY A 395 24.38 17.32 -3.99
N SER A 396 23.88 18.28 -4.77
CA SER A 396 23.86 19.70 -4.34
C SER A 396 22.89 20.55 -5.16
N ARG A 397 22.34 21.60 -4.54
CA ARG A 397 21.41 22.55 -5.20
C ARG A 397 22.19 23.40 -6.21
N ALA A 398 21.58 23.64 -7.37
CA ALA A 398 22.03 24.69 -8.32
C ALA A 398 21.49 26.05 -7.86
N VAL A 399 22.32 27.11 -7.96
CA VAL A 399 21.94 28.49 -7.53
C VAL A 399 22.37 29.47 -8.63
N SER A 400 21.41 30.20 -9.19
CA SER A 400 21.64 31.24 -10.22
C SER A 400 21.01 32.55 -9.77
N ILE A 401 21.46 33.66 -10.36
CA ILE A 401 20.96 35.04 -10.14
C ILE A 401 20.42 35.53 -11.47
N THR A 402 19.29 36.24 -11.45
CA THR A 402 18.82 37.09 -12.58
C THR A 402 18.53 38.48 -12.02
N ARG A 403 18.88 39.52 -12.78
CA ARG A 403 18.56 40.93 -12.45
C ARG A 403 17.58 41.47 -13.49
N ASP A 404 17.12 40.63 -14.40
CA ASP A 404 16.29 41.03 -15.56
C ASP A 404 15.13 40.03 -15.73
N LEU A 405 14.67 39.41 -14.63
CA LEU A 405 13.49 38.52 -14.57
C LEU A 405 13.65 37.31 -15.52
N GLY A 406 14.89 36.85 -15.69
CA GLY A 406 15.20 35.56 -16.35
C GLY A 406 15.52 35.70 -17.82
N LYS A 407 15.70 36.93 -18.32
CA LYS A 407 16.21 37.18 -19.70
C LYS A 407 17.65 36.64 -19.75
N SER A 408 18.45 36.93 -18.71
CA SER A 408 19.84 36.43 -18.56
C SER A 408 20.03 35.90 -17.13
N TRP A 409 20.98 34.99 -16.95
CA TRP A 409 21.24 34.26 -15.69
C TRP A 409 22.74 34.22 -15.41
N THR A 410 23.11 34.33 -14.15
CA THR A 410 24.51 34.23 -13.66
C THR A 410 24.54 33.12 -12.61
N GLU A 411 25.57 32.27 -12.64
CA GLU A 411 25.86 31.28 -11.58
C GLU A 411 26.22 32.02 -10.30
N HIS A 412 25.63 31.62 -9.18
CA HIS A 412 25.97 32.15 -7.84
C HIS A 412 27.18 31.38 -7.30
N SER A 413 28.02 32.03 -6.49
CA SER A 413 29.20 31.41 -5.79
C SER A 413 28.79 30.14 -5.05
N SER A 414 27.57 30.05 -4.53
CA SER A 414 27.07 28.92 -3.71
C SER A 414 26.63 27.73 -4.60
N ASN A 415 26.57 27.95 -5.93
CA ASN A 415 26.08 26.97 -6.94
C ASN A 415 26.80 25.63 -6.77
N ARG A 416 26.04 24.54 -6.70
CA ARG A 416 26.55 23.16 -6.75
C ARG A 416 27.73 23.02 -5.78
N SER A 417 27.60 23.54 -4.56
CA SER A 417 28.66 23.46 -3.52
C SER A 417 28.10 23.57 -2.11
N ALA A 418 27.45 24.70 -1.80
CA ALA A 418 27.11 25.11 -0.41
C ALA A 418 25.94 24.30 0.17
N LEU A 419 24.96 23.89 -0.64
CA LEU A 419 23.72 23.24 -0.13
C LEU A 419 23.59 21.81 -0.64
N PRO A 420 23.97 20.80 0.17
CA PRO A 420 23.75 19.39 -0.16
C PRO A 420 22.26 19.05 -0.42
N GLU A 421 22.00 18.14 -1.37
CA GLU A 421 20.64 17.55 -1.55
C GLU A 421 20.73 16.15 -2.17
N SER A 422 19.59 15.44 -2.16
CA SER A 422 19.43 14.05 -2.64
C SER A 422 18.55 14.05 -3.88
N ILE A 423 18.37 15.24 -4.48
CA ILE A 423 17.48 15.50 -5.66
C ILE A 423 16.05 15.49 -5.14
N CYS A 424 15.62 16.64 -4.63
CA CYS A 424 14.39 16.81 -3.83
C CYS A 424 13.99 18.28 -3.80
N MET A 425 12.70 18.55 -3.68
CA MET A 425 12.17 19.93 -3.50
C MET A 425 12.87 20.56 -2.30
N ALA A 426 13.19 21.85 -2.36
CA ALA A 426 13.72 22.64 -1.23
C ALA A 426 13.01 23.99 -1.20
N SER A 427 12.89 24.59 0.00
CA SER A 427 12.31 25.94 0.24
C SER A 427 13.45 26.94 0.45
N LEU A 428 13.33 28.11 -0.17
CA LEU A 428 14.19 29.30 0.06
C LEU A 428 13.28 30.53 0.20
N ILE A 429 13.49 31.33 1.25
CA ILE A 429 12.79 32.65 1.44
C ILE A 429 13.83 33.69 1.85
N SER A 430 13.53 34.96 1.58
CA SER A 430 14.28 36.16 2.03
C SER A 430 13.46 36.88 3.11
N VAL A 431 14.14 37.40 4.13
CA VAL A 431 13.52 38.19 5.24
C VAL A 431 14.32 39.50 5.34
N LYS A 432 13.66 40.65 5.10
CA LYS A 432 14.29 41.99 5.19
C LYS A 432 14.66 42.26 6.65
N ALA A 433 15.71 43.05 6.86
CA ALA A 433 16.26 43.42 8.19
C ALA A 433 15.15 44.03 9.07
N LYS A 434 14.35 44.92 8.49
CA LYS A 434 13.32 45.70 9.24
C LYS A 434 12.13 44.81 9.60
N ASP A 435 12.02 43.62 9.00
CA ASP A 435 10.83 42.74 9.13
C ASP A 435 11.10 41.63 10.17
N ASN A 436 12.27 41.59 10.82
CA ASN A 436 12.62 40.50 11.76
C ASN A 436 13.46 41.03 12.94
N ILE A 437 13.45 40.29 14.05
CA ILE A 437 13.98 40.71 15.39
C ILE A 437 15.51 40.77 15.37
N ILE A 438 16.18 40.12 14.42
CA ILE A 438 17.67 40.16 14.29
C ILE A 438 18.06 41.53 13.76
N GLY A 439 17.17 42.20 13.01
CA GLY A 439 17.49 43.50 12.37
C GLY A 439 18.51 43.34 11.24
N LYS A 440 18.61 42.13 10.65
CA LYS A 440 19.56 41.79 9.56
C LYS A 440 18.81 41.02 8.47
N ASP A 441 19.12 41.30 7.20
CA ASP A 441 18.61 40.51 6.05
C ASP A 441 18.99 39.04 6.33
N LEU A 442 18.03 38.14 6.15
CA LEU A 442 18.24 36.67 6.23
C LEU A 442 17.83 36.05 4.90
N LEU A 443 18.51 34.98 4.49
CA LEU A 443 17.93 33.89 3.66
C LEU A 443 17.70 32.68 4.57
N LEU A 444 16.54 32.06 4.46
CA LEU A 444 16.20 30.80 5.16
C LEU A 444 15.90 29.74 4.10
N PHE A 445 16.44 28.54 4.30
CA PHE A 445 16.39 27.41 3.35
C PHE A 445 16.03 26.16 4.16
N SER A 446 15.21 25.28 3.60
CA SER A 446 14.89 23.96 4.19
C SER A 446 14.87 22.88 3.11
N ASN A 447 15.42 21.72 3.45
CA ASN A 447 15.39 20.50 2.61
C ASN A 447 15.85 19.35 3.48
N PRO A 448 15.81 18.10 2.95
CA PRO A 448 16.49 16.99 3.59
C PRO A 448 17.99 17.24 3.40
N ASN A 449 18.70 17.48 4.52
CA ASN A 449 20.15 17.80 4.57
C ASN A 449 20.96 16.50 4.48
N THR A 450 20.96 15.89 3.29
CA THR A 450 21.64 14.61 2.95
C THR A 450 21.78 14.53 1.43
N THR A 451 22.74 13.74 0.94
CA THR A 451 22.94 13.47 -0.51
C THR A 451 22.25 12.14 -0.88
N GLU A 452 21.71 11.42 0.10
CA GLU A 452 21.05 10.09 -0.09
C GLU A 452 19.80 10.05 0.79
N GLY A 453 18.69 9.60 0.22
CA GLY A 453 17.42 9.41 0.95
C GLY A 453 16.77 10.75 1.26
N ARG A 454 15.70 10.70 2.05
CA ARG A 454 14.96 11.91 2.48
C ARG A 454 14.75 11.81 3.99
N HIS A 455 15.60 12.53 4.72
CA HIS A 455 15.68 12.58 6.19
C HIS A 455 16.52 13.80 6.56
N HIS A 456 16.60 14.12 7.86
CA HIS A 456 17.36 15.26 8.40
C HIS A 456 16.82 16.56 7.78
N ILE A 457 15.49 16.70 7.74
CA ILE A 457 14.82 17.99 7.42
C ILE A 457 15.42 19.05 8.34
N THR A 458 15.96 20.12 7.76
CA THR A 458 16.80 21.13 8.47
C THR A 458 16.45 22.51 7.92
N ILE A 459 16.30 23.50 8.80
CA ILE A 459 16.26 24.94 8.43
C ILE A 459 17.68 25.48 8.57
N LYS A 460 18.18 26.13 7.51
CA LYS A 460 19.50 26.79 7.48
C LYS A 460 19.27 28.28 7.27
N ALA A 461 20.06 29.12 7.93
CA ALA A 461 20.02 30.59 7.77
C ALA A 461 21.37 31.08 7.23
N SER A 462 21.32 32.10 6.38
CA SER A 462 22.48 32.83 5.80
C SER A 462 22.34 34.32 6.10
N LEU A 463 23.43 34.94 6.55
CA LEU A 463 23.49 36.38 6.89
C LEU A 463 24.14 37.17 5.75
N ASP A 464 24.66 36.49 4.72
CA ASP A 464 25.45 37.11 3.63
C ASP A 464 24.82 36.80 2.26
N GLY A 465 23.49 36.80 2.18
CA GLY A 465 22.72 36.63 0.93
C GLY A 465 22.97 35.28 0.27
N GLY A 466 23.13 34.24 1.09
CA GLY A 466 23.27 32.84 0.65
C GLY A 466 24.63 32.53 0.06
N VAL A 467 25.65 33.34 0.37
CA VAL A 467 27.07 33.04 0.00
C VAL A 467 27.56 31.93 0.94
N THR A 468 27.22 32.02 2.22
CA THR A 468 27.63 31.06 3.27
C THR A 468 26.42 30.60 4.06
N TRP A 469 26.40 29.31 4.40
CA TRP A 469 25.42 28.68 5.33
C TRP A 469 26.21 28.03 6.47
N LEU A 470 26.50 28.80 7.52
CA LEU A 470 27.32 28.32 8.66
C LEU A 470 26.56 27.24 9.42
N PRO A 471 27.25 26.13 9.78
CA PRO A 471 26.64 25.01 10.51
C PRO A 471 25.84 25.42 11.75
N ALA A 472 26.35 26.40 12.50
CA ALA A 472 25.72 26.89 13.76
C ALA A 472 24.33 27.48 13.48
N HIS A 473 24.11 28.01 12.27
CA HIS A 473 22.86 28.73 11.86
C HIS A 473 21.85 27.77 11.22
N GLN A 474 21.66 26.61 11.84
CA GLN A 474 20.88 25.47 11.30
C GLN A 474 20.16 24.78 12.45
N VAL A 475 18.90 24.38 12.23
CA VAL A 475 18.10 23.59 13.22
C VAL A 475 17.63 22.32 12.53
N LEU A 476 18.00 21.17 13.08
CA LEU A 476 17.50 19.83 12.67
C LEU A 476 16.11 19.64 13.27
N LEU A 477 15.10 19.36 12.43
CA LEU A 477 13.70 19.13 12.86
C LEU A 477 13.28 17.66 12.76
N ASP A 478 13.78 16.90 11.77
CA ASP A 478 13.28 15.51 11.52
C ASP A 478 14.42 14.64 10.98
N GLU A 479 15.08 13.84 11.84
CA GLU A 479 16.22 13.00 11.43
C GLU A 479 15.73 11.67 10.83
N GLU A 480 14.41 11.42 10.78
CA GLU A 480 13.88 10.12 10.27
C GLU A 480 13.28 10.31 8.87
N ASP A 481 12.82 9.21 8.27
CA ASP A 481 12.57 9.12 6.80
C ASP A 481 11.19 9.68 6.49
N GLY A 482 11.12 10.48 5.41
CA GLY A 482 9.85 11.03 4.92
C GLY A 482 9.95 11.28 3.43
N TRP A 483 8.97 11.97 2.86
CA TRP A 483 8.91 12.28 1.41
C TRP A 483 9.67 13.57 1.11
N GLY A 484 10.02 14.38 2.13
CA GLY A 484 11.10 15.37 2.08
C GLY A 484 10.75 16.77 1.58
N TYR A 485 9.59 16.99 0.98
CA TYR A 485 9.20 18.35 0.47
C TYR A 485 8.84 19.25 1.67
N SER A 486 9.17 20.54 1.56
CA SER A 486 8.98 21.52 2.65
C SER A 486 8.73 22.91 2.08
N CYS A 487 8.12 23.80 2.87
CA CYS A 487 7.94 25.21 2.49
C CYS A 487 7.98 26.10 3.75
N LEU A 488 8.76 27.18 3.68
CA LEU A 488 8.97 28.15 4.76
C LEU A 488 8.08 29.39 4.55
N SER A 489 7.63 29.99 5.65
CA SER A 489 7.01 31.34 5.68
C SER A 489 7.24 31.93 7.08
N MET A 490 7.73 33.18 7.13
CA MET A 490 7.81 33.93 8.42
C MET A 490 6.39 34.04 8.97
N ILE A 491 6.18 33.63 10.22
CA ILE A 491 4.89 33.72 10.96
C ILE A 491 4.72 35.16 11.45
N ASP A 492 5.80 35.72 12.02
CA ASP A 492 5.84 37.07 12.63
C ASP A 492 7.31 37.55 12.57
N ARG A 493 7.65 38.57 13.35
CA ARG A 493 9.02 39.15 13.39
C ARG A 493 10.01 38.16 14.02
N GLU A 494 9.52 37.19 14.81
CA GLU A 494 10.37 36.41 15.75
C GLU A 494 10.49 34.94 15.32
N THR A 495 9.59 34.43 14.47
CA THR A 495 9.42 32.97 14.24
C THR A 495 9.23 32.70 12.74
N VAL A 496 9.89 31.65 12.28
CA VAL A 496 9.66 31.09 10.91
C VAL A 496 8.81 29.82 11.07
N GLY A 497 7.84 29.68 10.17
CA GLY A 497 6.99 28.49 10.03
C GLY A 497 7.49 27.60 8.90
N ILE A 498 7.45 26.29 9.12
CA ILE A 498 7.79 25.26 8.08
C ILE A 498 6.59 24.31 7.95
N PHE A 499 6.14 24.11 6.72
CA PHE A 499 5.02 23.22 6.33
C PHE A 499 5.64 22.14 5.44
N TYR A 500 5.71 20.90 5.92
CA TYR A 500 6.57 19.88 5.29
C TYR A 500 6.04 18.46 5.50
N GLU A 501 6.45 17.59 4.58
CA GLU A 501 6.26 16.12 4.64
C GLU A 501 7.34 15.59 5.60
N SER A 502 6.92 15.04 6.72
CA SER A 502 7.78 14.61 7.84
C SER A 502 7.64 13.10 8.07
N SER A 503 8.42 12.57 9.00
CA SER A 503 8.35 11.16 9.45
C SER A 503 7.10 10.95 10.31
N VAL A 504 6.42 12.03 10.75
CA VAL A 504 5.32 11.94 11.76
C VAL A 504 3.96 12.34 11.16
N ALA A 505 3.93 12.98 9.99
CA ALA A 505 2.65 13.31 9.32
C ALA A 505 2.90 13.84 7.91
N HIS A 506 1.97 13.57 7.00
CA HIS A 506 2.03 13.93 5.56
C HIS A 506 2.19 15.45 5.41
N MET A 507 1.44 16.22 6.22
CA MET A 507 1.57 17.69 6.32
C MET A 507 1.79 18.06 7.80
N THR A 508 3.02 18.45 8.11
CA THR A 508 3.52 18.78 9.47
C THR A 508 3.82 20.28 9.48
N PHE A 509 3.28 21.00 10.46
CA PHE A 509 3.66 22.41 10.74
C PHE A 509 4.46 22.47 12.04
N GLN A 510 5.56 23.23 11.99
CA GLN A 510 6.43 23.60 13.15
C GLN A 510 6.76 25.09 13.04
N ALA A 511 6.95 25.74 14.18
CA ALA A 511 7.36 27.15 14.32
C ALA A 511 8.71 27.17 15.03
N VAL A 512 9.65 28.00 14.56
CA VAL A 512 11.04 28.05 15.08
C VAL A 512 11.39 29.53 15.28
N LYS A 513 11.81 29.88 16.50
CA LYS A 513 12.36 31.22 16.80
C LYS A 513 13.61 31.42 15.95
N ILE A 514 13.71 32.52 15.22
CA ILE A 514 14.91 32.80 14.39
C ILE A 514 16.13 33.05 15.31
N LYS A 515 15.91 33.29 16.62
CA LYS A 515 16.99 33.40 17.63
C LYS A 515 17.55 32.01 17.99
N ASP A 516 16.88 30.93 17.60
CA ASP A 516 17.43 29.55 17.66
C ASP A 516 18.34 29.31 16.45
N LEU A 517 17.99 29.87 15.31
CA LEU A 517 18.81 29.82 14.06
C LEU A 517 20.06 30.68 14.22
N ILE A 518 19.92 31.95 14.59
CA ILE A 518 21.03 32.94 14.68
C ILE A 518 21.27 33.30 16.15
N ARG A 519 22.22 32.60 16.79
CA ARG A 519 22.51 32.68 18.25
C ARG A 519 23.76 33.55 18.45
N ASP B 1 -14.77 3.74 -36.36
CA ASP B 1 -15.21 2.81 -37.42
C ASP B 1 -14.67 1.39 -37.18
N SER B 2 -13.60 1.25 -36.40
CA SER B 2 -13.06 -0.06 -35.90
C SER B 2 -13.08 -0.04 -34.37
N VAL B 3 -13.69 -1.05 -33.72
CA VAL B 3 -13.84 -1.15 -32.24
C VAL B 3 -13.35 -2.54 -31.83
N TYR B 4 -12.64 -2.64 -30.70
CA TYR B 4 -12.11 -3.91 -30.14
C TYR B 4 -12.83 -4.22 -28.83
N VAL B 5 -13.25 -5.48 -28.70
CA VAL B 5 -14.06 -5.98 -27.57
C VAL B 5 -13.34 -7.16 -26.94
N GLN B 6 -13.25 -7.15 -25.63
CA GLN B 6 -12.68 -8.25 -24.81
C GLN B 6 -13.80 -8.75 -23.89
N ASN B 7 -13.99 -10.07 -23.85
CA ASN B 7 -14.84 -10.73 -22.83
C ASN B 7 -13.91 -11.51 -21.91
N PRO B 8 -13.41 -10.91 -20.83
CA PRO B 8 -12.37 -11.52 -20.00
C PRO B 8 -12.83 -12.75 -19.20
N GLN B 9 -12.13 -13.88 -19.31
CA GLN B 9 -12.42 -15.10 -18.51
C GLN B 9 -11.99 -14.85 -17.05
N ILE B 10 -12.80 -14.08 -16.32
CA ILE B 10 -12.65 -13.88 -14.85
C ILE B 10 -14.00 -14.10 -14.18
N PRO B 11 -14.02 -14.51 -12.89
CA PRO B 11 -15.29 -14.82 -12.22
C PRO B 11 -16.20 -13.58 -12.12
N ILE B 12 -17.50 -13.80 -12.39
CA ILE B 12 -18.60 -12.84 -12.05
C ILE B 12 -19.04 -13.16 -10.62
N LEU B 13 -18.75 -12.26 -9.68
CA LEU B 13 -19.05 -12.45 -8.25
C LEU B 13 -20.50 -12.03 -7.99
N VAL B 14 -21.28 -12.96 -7.44
CA VAL B 14 -22.75 -12.80 -7.17
C VAL B 14 -22.94 -11.76 -6.06
N ASP B 15 -21.92 -11.54 -5.24
CA ASP B 15 -21.93 -10.60 -4.08
C ASP B 15 -21.32 -9.24 -4.50
N ARG B 16 -20.99 -9.03 -5.77
CA ARG B 16 -20.36 -7.75 -6.23
C ARG B 16 -21.44 -6.84 -6.82
N THR B 17 -21.24 -5.53 -6.72
CA THR B 17 -22.07 -4.50 -7.38
C THR B 17 -21.67 -4.41 -8.85
N ASP B 18 -20.36 -4.43 -9.14
CA ASP B 18 -19.82 -4.39 -10.53
C ASP B 18 -18.93 -5.61 -10.79
N ASN B 19 -19.04 -6.14 -12.00
CA ASN B 19 -18.14 -7.17 -12.58
C ASN B 19 -17.90 -6.77 -14.03
N VAL B 20 -16.66 -6.91 -14.52
CA VAL B 20 -16.30 -6.60 -15.93
C VAL B 20 -16.88 -7.69 -16.83
N LEU B 21 -17.88 -7.37 -17.66
CA LEU B 21 -18.42 -8.33 -18.67
C LEU B 21 -17.68 -8.13 -19.99
N PHE B 22 -17.59 -6.88 -20.44
CA PHE B 22 -16.84 -6.49 -21.65
C PHE B 22 -15.92 -5.31 -21.30
N ARG B 23 -14.70 -5.34 -21.84
CA ARG B 23 -13.89 -4.12 -22.00
C ARG B 23 -13.89 -3.77 -23.50
N ILE B 24 -13.94 -2.49 -23.80
CA ILE B 24 -14.03 -1.97 -25.21
C ILE B 24 -12.92 -0.93 -25.39
N ARG B 25 -12.13 -1.09 -26.46
CA ARG B 25 -11.12 -0.12 -26.91
C ARG B 25 -11.58 0.43 -28.27
N ILE B 26 -11.80 1.74 -28.34
CA ILE B 26 -11.98 2.50 -29.59
C ILE B 26 -10.66 3.22 -29.86
N PRO B 27 -9.78 2.65 -30.71
CA PRO B 27 -8.38 3.09 -30.76
C PRO B 27 -8.12 4.41 -31.50
N ASP B 28 -8.94 4.75 -32.51
CA ASP B 28 -8.62 5.84 -33.49
C ASP B 28 -9.81 6.80 -33.60
N ALA B 29 -10.33 7.26 -32.46
CA ALA B 29 -11.45 8.24 -32.40
C ALA B 29 -10.99 9.60 -32.92
N THR B 30 -11.87 10.30 -33.65
CA THR B 30 -11.79 11.76 -33.92
C THR B 30 -12.43 12.50 -32.74
N LYS B 31 -11.81 13.58 -32.26
CA LYS B 31 -12.36 14.36 -31.12
C LYS B 31 -13.82 14.71 -31.43
N GLY B 32 -14.74 14.36 -30.51
CA GLY B 32 -16.18 14.66 -30.62
C GLY B 32 -17.00 13.45 -31.05
N ASP B 33 -16.37 12.39 -31.56
CA ASP B 33 -17.05 11.12 -31.93
C ASP B 33 -17.86 10.64 -30.72
N VAL B 34 -19.06 10.12 -30.95
CA VAL B 34 -19.97 9.67 -29.87
C VAL B 34 -20.39 8.22 -30.15
N LEU B 35 -20.15 7.34 -29.19
CA LEU B 35 -20.74 5.98 -29.11
C LEU B 35 -22.21 6.16 -28.75
N ASN B 36 -23.05 6.31 -29.79
CA ASN B 36 -24.52 6.58 -29.65
C ASN B 36 -25.17 5.41 -28.90
N ARG B 37 -24.90 4.18 -29.33
CA ARG B 37 -25.45 2.97 -28.65
C ARG B 37 -24.63 1.73 -28.99
N LEU B 38 -24.61 0.77 -28.06
CA LEU B 38 -24.11 -0.60 -28.31
C LEU B 38 -25.17 -1.61 -27.85
N THR B 39 -25.27 -2.70 -28.61
CA THR B 39 -26.22 -3.80 -28.35
C THR B 39 -25.42 -5.02 -27.87
N ILE B 40 -25.83 -5.56 -26.71
CA ILE B 40 -25.41 -6.89 -26.20
C ILE B 40 -26.53 -7.89 -26.52
N ARG B 41 -26.15 -9.13 -26.81
CA ARG B 41 -27.08 -10.30 -26.84
C ARG B 41 -26.58 -11.35 -25.84
N PHE B 42 -27.49 -11.97 -25.09
CA PHE B 42 -27.23 -13.16 -24.24
C PHE B 42 -27.77 -14.39 -24.97
N GLY B 43 -27.11 -15.55 -24.80
CA GLY B 43 -27.52 -16.83 -25.38
C GLY B 43 -28.93 -17.19 -24.99
N ASN B 44 -29.59 -18.01 -25.83
CA ASN B 44 -31.00 -18.46 -25.67
C ASN B 44 -31.23 -19.08 -24.29
N GLU B 45 -30.25 -19.80 -23.76
CA GLU B 45 -30.41 -20.68 -22.56
C GLU B 45 -30.00 -19.94 -21.30
N ASP B 46 -29.53 -18.69 -21.41
CA ASP B 46 -29.08 -17.87 -20.26
C ASP B 46 -30.27 -17.58 -19.33
N LYS B 47 -30.07 -17.71 -18.03
CA LYS B 47 -31.08 -17.41 -16.98
C LYS B 47 -31.07 -15.91 -16.67
N LEU B 48 -31.60 -15.09 -17.57
CA LEU B 48 -31.52 -13.60 -17.46
C LEU B 48 -32.27 -13.11 -16.21
N SER B 49 -33.14 -13.95 -15.63
CA SER B 49 -33.88 -13.75 -14.35
C SER B 49 -32.92 -13.24 -13.25
N GLU B 50 -31.72 -13.82 -13.18
CA GLU B 50 -30.83 -13.59 -12.01
C GLU B 50 -29.77 -12.51 -12.33
N VAL B 51 -29.85 -11.87 -13.51
CA VAL B 51 -29.10 -10.63 -13.84
C VAL B 51 -29.89 -9.43 -13.31
N LYS B 52 -29.30 -8.70 -12.35
CA LYS B 52 -29.94 -7.55 -11.63
C LYS B 52 -29.82 -6.28 -12.48
N ALA B 53 -28.66 -6.00 -13.08
CA ALA B 53 -28.45 -4.81 -13.93
C ALA B 53 -27.22 -4.98 -14.83
N VAL B 54 -27.25 -4.26 -15.97
CA VAL B 54 -26.09 -4.07 -16.89
C VAL B 54 -25.83 -2.56 -16.99
N ARG B 55 -24.56 -2.14 -16.91
CA ARG B 55 -24.11 -0.73 -16.95
C ARG B 55 -23.04 -0.54 -18.05
N LEU B 56 -23.10 0.59 -18.76
CA LEU B 56 -22.03 1.06 -19.68
C LEU B 56 -21.28 2.19 -18.98
N PHE B 57 -19.97 2.02 -18.84
CA PHE B 57 -19.02 3.00 -18.22
C PHE B 57 -18.10 3.57 -19.30
N TYR B 58 -17.72 4.83 -19.14
CA TYR B 58 -16.59 5.49 -19.86
C TYR B 58 -15.44 5.64 -18.87
N ALA B 59 -14.21 5.34 -19.31
CA ALA B 59 -12.98 5.36 -18.48
C ALA B 59 -11.92 6.29 -19.11
N GLY B 60 -12.31 7.14 -20.06
CA GLY B 60 -11.42 8.13 -20.69
C GLY B 60 -10.45 7.48 -21.66
N THR B 61 -9.16 7.82 -21.55
CA THR B 61 -8.15 7.53 -22.61
C THR B 61 -6.96 6.79 -22.01
N GLU B 62 -5.91 6.63 -22.82
CA GLU B 62 -4.68 5.89 -22.45
C GLU B 62 -3.54 6.90 -22.41
N ALA B 63 -2.47 6.59 -21.68
CA ALA B 63 -1.20 7.36 -21.70
C ALA B 63 -0.51 7.16 -23.05
N ALA B 64 0.11 8.23 -23.56
CA ALA B 64 0.81 8.27 -24.86
C ALA B 64 1.88 7.18 -24.95
N THR B 65 2.49 6.77 -23.83
CA THR B 65 3.66 5.85 -23.83
C THR B 65 3.24 4.39 -23.58
N LYS B 66 1.96 4.11 -23.32
CA LYS B 66 1.51 2.76 -22.90
C LYS B 66 0.97 1.94 -24.09
N GLY B 67 0.97 2.47 -25.31
CA GLY B 67 0.70 1.65 -26.50
C GLY B 67 -0.76 1.24 -26.60
N ARG B 68 -1.13 0.57 -27.69
CA ARG B 68 -2.49 0.66 -28.27
C ARG B 68 -3.27 -0.66 -28.16
N SER B 69 -2.75 -1.64 -27.42
CA SER B 69 -3.31 -3.02 -27.36
C SER B 69 -3.96 -3.32 -26.00
N ARG B 70 -3.98 -2.37 -25.07
CA ARG B 70 -4.57 -2.58 -23.71
C ARG B 70 -6.09 -2.41 -23.81
N PHE B 71 -6.83 -3.02 -22.88
CA PHE B 71 -8.30 -2.97 -22.86
C PHE B 71 -8.79 -2.02 -21.77
N ALA B 72 -7.87 -1.42 -21.00
CA ALA B 72 -8.18 -0.51 -19.86
C ALA B 72 -6.95 0.31 -19.49
N PRO B 73 -7.12 1.53 -18.93
CA PRO B 73 -5.99 2.31 -18.40
C PRO B 73 -5.60 1.91 -16.97
N VAL B 74 -6.45 1.11 -16.32
CA VAL B 74 -6.42 0.90 -14.84
C VAL B 74 -7.40 -0.24 -14.52
N THR B 75 -7.18 -0.91 -13.38
CA THR B 75 -8.14 -1.82 -12.74
C THR B 75 -9.43 -1.05 -12.45
N TYR B 76 -10.56 -1.53 -12.97
CA TYR B 76 -11.89 -0.88 -12.83
C TYR B 76 -12.50 -1.21 -11.46
N VAL B 77 -12.43 -2.48 -11.07
CA VAL B 77 -12.99 -3.01 -9.79
C VAL B 77 -11.83 -3.63 -9.02
N SER B 78 -11.42 -2.99 -7.93
CA SER B 78 -10.22 -3.36 -7.12
C SER B 78 -10.55 -4.55 -6.22
N SER B 79 -9.60 -5.46 -6.06
CA SER B 79 -9.64 -6.60 -5.13
C SER B 79 -8.73 -6.32 -3.91
N HIS B 80 -8.16 -5.13 -3.80
CA HIS B 80 -7.18 -4.74 -2.75
C HIS B 80 -7.61 -3.49 -1.97
N ASN B 81 -8.43 -2.62 -2.57
CA ASN B 81 -8.86 -1.35 -1.92
C ASN B 81 -9.79 -1.70 -0.74
N ILE B 82 -9.27 -1.60 0.49
CA ILE B 82 -9.99 -1.94 1.75
C ILE B 82 -11.27 -1.09 1.89
N ARG B 83 -11.35 0.04 1.20
CA ARG B 83 -12.52 0.96 1.28
C ARG B 83 -13.58 0.61 0.23
N ASN B 84 -13.24 -0.18 -0.82
CA ASN B 84 -14.21 -0.60 -1.86
C ASN B 84 -13.63 -1.69 -2.78
N THR B 85 -14.11 -2.93 -2.62
CA THR B 85 -13.76 -4.08 -3.50
C THR B 85 -14.98 -4.52 -4.32
N ARG B 86 -16.14 -3.89 -4.17
CA ARG B 86 -17.41 -4.49 -4.64
C ARG B 86 -18.01 -3.71 -5.81
N SER B 87 -17.70 -2.41 -5.93
CA SER B 87 -18.18 -1.53 -7.02
C SER B 87 -16.98 -0.93 -7.77
N ALA B 88 -17.21 -0.48 -9.02
CA ALA B 88 -16.22 0.26 -9.81
C ALA B 88 -15.75 1.47 -9.02
N ASN B 89 -14.44 1.74 -8.99
CA ASN B 89 -13.92 3.01 -8.45
C ASN B 89 -14.55 4.12 -9.28
N PRO B 90 -15.37 5.00 -8.66
CA PRO B 90 -16.06 6.05 -9.40
C PRO B 90 -15.09 7.08 -9.98
N SER B 91 -13.86 7.18 -9.46
CA SER B 91 -12.82 8.10 -10.00
C SER B 91 -12.21 7.56 -11.31
N TYR B 92 -12.43 6.29 -11.68
CA TYR B 92 -11.85 5.69 -12.93
C TYR B 92 -12.94 5.43 -13.99
N SER B 93 -14.20 5.38 -13.60
CA SER B 93 -15.32 5.00 -14.49
C SER B 93 -16.54 5.87 -14.22
N ILE B 94 -17.10 6.48 -15.28
CA ILE B 94 -18.34 7.30 -15.22
C ILE B 94 -19.47 6.52 -15.92
N ARG B 95 -20.56 6.24 -15.22
CA ARG B 95 -21.73 5.52 -15.78
C ARG B 95 -22.39 6.38 -16.85
N GLN B 96 -22.62 5.79 -18.03
CA GLN B 96 -23.24 6.43 -19.21
C GLN B 96 -24.73 6.04 -19.28
N ASP B 97 -25.01 4.77 -18.97
CA ASP B 97 -26.35 4.16 -19.11
C ASP B 97 -26.44 2.98 -18.14
N GLU B 98 -27.65 2.52 -17.88
CA GLU B 98 -27.94 1.38 -16.98
C GLU B 98 -29.31 0.82 -17.35
N VAL B 99 -29.41 -0.50 -17.50
CA VAL B 99 -30.68 -1.27 -17.67
C VAL B 99 -30.83 -2.23 -16.48
N THR B 100 -31.96 -2.16 -15.76
CA THR B 100 -32.22 -2.92 -14.51
C THR B 100 -33.23 -4.05 -14.76
N THR B 101 -33.72 -4.19 -16.00
CA THR B 101 -34.55 -5.34 -16.45
C THR B 101 -33.95 -5.86 -17.77
N VAL B 102 -33.32 -7.04 -17.73
CA VAL B 102 -32.43 -7.52 -18.84
C VAL B 102 -33.20 -8.49 -19.75
N ALA B 103 -33.25 -8.19 -21.04
CA ALA B 103 -33.75 -9.07 -22.12
C ALA B 103 -32.56 -9.65 -22.90
N ASN B 104 -32.83 -10.65 -23.76
CA ASN B 104 -31.84 -11.36 -24.61
C ASN B 104 -31.07 -10.35 -25.48
N THR B 105 -31.75 -9.31 -25.98
CA THR B 105 -31.16 -8.11 -26.63
C THR B 105 -31.26 -6.94 -25.66
N LEU B 106 -30.24 -6.09 -25.66
CA LEU B 106 -30.07 -4.97 -24.70
C LEU B 106 -29.25 -3.88 -25.39
N THR B 107 -29.69 -2.63 -25.31
CA THR B 107 -29.02 -1.45 -25.94
C THR B 107 -28.64 -0.45 -24.83
N LEU B 108 -27.37 -0.06 -24.79
CA LEU B 108 -26.83 0.98 -23.87
C LEU B 108 -26.38 2.17 -24.71
N LYS B 109 -26.59 3.39 -24.20
CA LYS B 109 -26.37 4.67 -24.92
C LYS B 109 -25.37 5.53 -24.16
N THR B 110 -24.69 6.42 -24.88
CA THR B 110 -23.91 7.55 -24.31
C THR B 110 -24.17 8.76 -25.18
N ARG B 111 -23.88 9.95 -24.65
CA ARG B 111 -23.72 11.19 -25.44
C ARG B 111 -22.35 11.80 -25.12
N GLN B 112 -21.41 10.99 -24.60
CA GLN B 112 -20.01 11.41 -24.26
C GLN B 112 -19.21 11.68 -25.52
N PRO B 113 -18.72 12.92 -25.76
CA PRO B 113 -17.82 13.18 -26.87
C PRO B 113 -16.42 12.59 -26.55
N MET B 114 -15.90 11.78 -27.46
CA MET B 114 -14.60 11.06 -27.31
C MET B 114 -13.46 12.06 -27.55
N VAL B 115 -12.28 11.75 -26.99
CA VAL B 115 -11.01 12.46 -27.27
C VAL B 115 -10.38 11.83 -28.51
N LYS B 116 -9.48 12.54 -29.18
CA LYS B 116 -8.71 12.00 -30.34
C LYS B 116 -7.92 10.78 -29.85
N GLY B 117 -7.92 9.69 -30.61
CA GLY B 117 -7.13 8.48 -30.32
C GLY B 117 -7.92 7.49 -29.48
N ILE B 118 -7.28 6.92 -28.45
CA ILE B 118 -7.82 5.75 -27.67
C ILE B 118 -8.90 6.23 -26.70
N ASN B 119 -10.02 5.51 -26.70
CA ASN B 119 -11.13 5.73 -25.73
C ASN B 119 -11.52 4.37 -25.19
N TYR B 120 -11.73 4.29 -23.87
CA TYR B 120 -12.11 3.06 -23.15
C TYR B 120 -13.55 3.18 -22.67
N PHE B 121 -14.36 2.18 -23.00
CA PHE B 121 -15.67 1.91 -22.37
C PHE B 121 -15.61 0.50 -21.81
N TRP B 122 -16.47 0.19 -20.84
CA TRP B 122 -16.66 -1.21 -20.41
C TRP B 122 -18.10 -1.43 -19.96
N VAL B 123 -18.52 -2.69 -19.96
CA VAL B 123 -19.86 -3.15 -19.52
C VAL B 123 -19.69 -3.89 -18.20
N SER B 124 -20.40 -3.42 -17.17
CA SER B 124 -20.54 -4.09 -15.84
C SER B 124 -21.83 -4.92 -15.83
N VAL B 125 -21.73 -6.16 -15.36
CA VAL B 125 -22.90 -7.04 -15.06
C VAL B 125 -22.97 -7.19 -13.54
N GLU B 126 -24.16 -6.92 -12.98
CA GLU B 126 -24.50 -7.15 -11.56
C GLU B 126 -25.48 -8.31 -11.51
N MET B 127 -25.18 -9.33 -10.70
CA MET B 127 -26.04 -10.52 -10.54
C MET B 127 -26.89 -10.34 -9.28
N ASP B 128 -28.07 -10.95 -9.27
CA ASP B 128 -28.87 -11.20 -8.04
C ASP B 128 -27.95 -11.92 -7.05
N ARG B 129 -27.99 -11.54 -5.77
CA ARG B 129 -27.08 -12.06 -4.71
C ARG B 129 -27.34 -13.56 -4.51
N ASN B 130 -28.50 -14.08 -4.94
CA ASN B 130 -28.88 -15.51 -4.81
C ASN B 130 -28.72 -16.26 -6.14
N THR B 131 -28.02 -15.66 -7.09
CA THR B 131 -27.65 -16.29 -8.38
C THR B 131 -27.00 -17.66 -8.12
N SER B 132 -27.38 -18.67 -8.89
CA SER B 132 -26.77 -20.02 -8.86
C SER B 132 -25.28 -19.93 -9.24
N LEU B 133 -24.39 -20.46 -8.39
CA LEU B 133 -22.92 -20.55 -8.65
C LEU B 133 -22.64 -21.35 -9.95
N LEU B 134 -23.57 -22.21 -10.38
CA LEU B 134 -23.44 -23.07 -11.58
C LEU B 134 -24.02 -22.38 -12.83
N SER B 135 -24.56 -21.17 -12.69
CA SER B 135 -25.10 -20.37 -13.84
C SER B 135 -23.95 -19.90 -14.73
N LYS B 136 -24.22 -19.74 -16.02
CA LYS B 136 -23.24 -19.27 -17.04
C LYS B 136 -23.90 -18.23 -17.95
N LEU B 137 -23.14 -17.22 -18.37
CA LEU B 137 -23.58 -16.20 -19.35
C LEU B 137 -22.73 -16.33 -20.62
N THR B 138 -23.40 -16.36 -21.76
CA THR B 138 -22.82 -16.33 -23.12
C THR B 138 -23.27 -15.02 -23.76
N SER B 139 -22.44 -13.99 -23.64
CA SER B 139 -22.77 -12.59 -24.03
C SER B 139 -21.85 -12.13 -25.15
N THR B 140 -22.38 -11.34 -26.08
CA THR B 140 -21.70 -10.80 -27.28
C THR B 140 -22.12 -9.34 -27.49
N VAL B 141 -21.17 -8.46 -27.76
CA VAL B 141 -21.47 -7.13 -28.36
C VAL B 141 -21.71 -7.36 -29.85
N THR B 142 -22.92 -7.10 -30.34
CA THR B 142 -23.34 -7.43 -31.72
C THR B 142 -23.37 -6.15 -32.56
N GLU B 143 -23.61 -5.00 -31.92
CA GLU B 143 -23.65 -3.69 -32.61
C GLU B 143 -22.99 -2.62 -31.74
N VAL B 144 -22.12 -1.83 -32.36
CA VAL B 144 -21.56 -0.58 -31.81
C VAL B 144 -21.83 0.48 -32.88
N VAL B 145 -22.55 1.54 -32.51
CA VAL B 145 -22.91 2.67 -33.40
C VAL B 145 -22.08 3.88 -32.96
N ILE B 146 -21.36 4.50 -33.90
CA ILE B 146 -20.55 5.73 -33.68
C ILE B 146 -20.96 6.72 -34.77
N ASN B 147 -21.34 7.94 -34.36
CA ASN B 147 -21.81 9.02 -35.27
C ASN B 147 -22.89 8.44 -36.20
N ASP B 148 -23.77 7.59 -35.64
CA ASP B 148 -24.98 7.04 -36.29
C ASP B 148 -24.62 6.12 -37.46
N LYS B 149 -23.40 5.56 -37.47
CA LYS B 149 -22.94 4.51 -38.41
C LYS B 149 -22.55 3.28 -37.60
N PRO B 150 -23.00 2.05 -37.97
CA PRO B 150 -22.51 0.84 -37.32
C PRO B 150 -20.99 0.72 -37.55
N ALA B 151 -20.21 0.48 -36.49
CA ALA B 151 -18.74 0.34 -36.54
C ALA B 151 -18.38 -1.14 -36.66
N VAL B 152 -17.21 -1.44 -37.25
CA VAL B 152 -16.68 -2.82 -37.42
C VAL B 152 -16.15 -3.31 -36.06
N ILE B 153 -16.68 -4.43 -35.58
CA ILE B 153 -16.32 -5.03 -34.26
C ILE B 153 -15.29 -6.13 -34.50
N ALA B 154 -14.19 -6.13 -33.74
CA ALA B 154 -13.14 -7.16 -33.72
C ALA B 154 -12.90 -7.62 -32.28
N GLY B 155 -12.31 -8.80 -32.12
CA GLY B 155 -11.83 -9.33 -30.83
C GLY B 155 -12.45 -10.68 -30.49
N GLU B 156 -11.74 -11.49 -29.69
CA GLU B 156 -12.24 -12.74 -29.09
C GLU B 156 -13.15 -12.36 -27.92
N GLN B 157 -14.46 -12.61 -28.04
CA GLN B 157 -15.47 -12.23 -27.01
C GLN B 157 -16.49 -13.36 -26.79
N ALA B 158 -16.14 -14.59 -27.20
CA ALA B 158 -17.03 -15.78 -27.17
C ALA B 158 -16.82 -16.59 -25.88
N ALA B 159 -16.16 -16.02 -24.85
CA ALA B 159 -15.95 -16.70 -23.55
C ALA B 159 -17.31 -17.04 -22.91
N VAL B 160 -17.43 -18.23 -22.34
CA VAL B 160 -18.58 -18.62 -21.49
C VAL B 160 -18.22 -18.20 -20.06
N ARG B 161 -18.92 -17.20 -19.55
CA ARG B 161 -18.59 -16.59 -18.23
C ARG B 161 -19.22 -17.44 -17.13
N ARG B 162 -18.47 -17.65 -16.05
CA ARG B 162 -18.91 -18.42 -14.86
C ARG B 162 -19.11 -17.46 -13.68
N MET B 163 -19.88 -17.91 -12.70
CA MET B 163 -20.15 -17.19 -11.42
C MET B 163 -19.12 -17.63 -10.37
N GLY B 164 -18.99 -16.83 -9.33
CA GLY B 164 -18.21 -17.14 -8.11
C GLY B 164 -18.70 -16.28 -6.97
N ILE B 165 -18.12 -16.47 -5.79
CA ILE B 165 -18.49 -15.67 -4.60
C ILE B 165 -17.20 -15.25 -3.88
N GLY B 166 -17.08 -13.95 -3.61
CA GLY B 166 -16.00 -13.38 -2.79
C GLY B 166 -16.24 -13.66 -1.32
N VAL B 167 -15.75 -14.79 -0.82
CA VAL B 167 -15.92 -15.23 0.59
C VAL B 167 -15.20 -14.23 1.50
N ARG B 168 -14.00 -13.76 1.10
CA ARG B 168 -13.23 -12.73 1.84
C ARG B 168 -12.72 -11.68 0.85
N HIS B 169 -13.03 -10.40 1.10
CA HIS B 169 -12.49 -9.25 0.35
C HIS B 169 -11.50 -8.53 1.26
N ALA B 170 -10.48 -7.91 0.67
CA ALA B 170 -9.54 -6.99 1.35
C ALA B 170 -10.36 -6.02 2.21
N GLY B 171 -10.01 -5.87 3.49
CA GLY B 171 -10.66 -4.91 4.40
C GLY B 171 -11.79 -5.52 5.23
N ASP B 172 -12.35 -6.68 4.82
CA ASP B 172 -13.46 -7.35 5.57
C ASP B 172 -13.03 -7.52 7.04
N ASP B 173 -13.92 -7.17 7.97
CA ASP B 173 -13.77 -7.39 9.44
C ASP B 173 -12.48 -6.73 9.93
N GLY B 174 -12.06 -5.66 9.27
CA GLY B 174 -10.92 -4.82 9.67
C GLY B 174 -9.59 -5.32 9.18
N SER B 175 -9.53 -6.51 8.55
CA SER B 175 -8.28 -7.17 8.08
C SER B 175 -7.86 -6.59 6.72
N ALA B 176 -6.62 -6.13 6.63
CA ALA B 176 -6.02 -5.57 5.39
C ALA B 176 -6.14 -6.60 4.25
N SER B 177 -5.83 -7.86 4.53
CA SER B 177 -5.80 -8.92 3.49
C SER B 177 -6.08 -10.31 4.07
N PHE B 178 -6.38 -11.24 3.16
CA PHE B 178 -6.57 -12.68 3.42
C PHE B 178 -5.73 -13.44 2.38
N ARG B 179 -4.96 -14.44 2.82
CA ARG B 179 -4.09 -15.26 1.94
C ARG B 179 -4.07 -16.73 2.39
N ILE B 180 -3.58 -17.59 1.50
CA ILE B 180 -3.19 -19.02 1.74
C ILE B 180 -4.45 -19.85 1.98
N PRO B 181 -5.21 -20.18 0.92
CA PRO B 181 -6.46 -20.94 1.05
C PRO B 181 -6.29 -22.44 1.31
N GLY B 182 -7.18 -23.00 2.13
CA GLY B 182 -7.38 -24.44 2.31
C GLY B 182 -8.86 -24.76 2.27
N LEU B 183 -9.26 -25.91 1.72
CA LEU B 183 -10.68 -26.28 1.55
C LEU B 183 -10.82 -27.79 1.75
N VAL B 184 -11.82 -28.19 2.53
CA VAL B 184 -12.28 -29.60 2.69
C VAL B 184 -13.81 -29.61 2.62
N THR B 185 -14.36 -30.80 2.37
CA THR B 185 -15.81 -31.09 2.50
C THR B 185 -15.92 -32.08 3.66
N THR B 186 -16.69 -31.75 4.70
CA THR B 186 -16.95 -32.63 5.86
C THR B 186 -17.85 -33.76 5.39
N ASN B 187 -18.03 -34.79 6.22
CA ASN B 187 -18.91 -35.96 5.95
C ASN B 187 -20.38 -35.50 5.86
N LYS B 188 -20.68 -34.27 6.31
CA LYS B 188 -22.05 -33.68 6.26
C LYS B 188 -22.22 -32.78 5.03
N GLY B 189 -21.23 -32.74 4.13
CA GLY B 189 -21.30 -31.93 2.90
C GLY B 189 -20.98 -30.47 3.16
N THR B 190 -20.51 -30.13 4.37
CA THR B 190 -20.17 -28.74 4.78
C THR B 190 -18.80 -28.36 4.21
N LEU B 191 -18.73 -27.23 3.50
CA LEU B 191 -17.47 -26.68 2.95
C LEU B 191 -16.77 -25.90 4.06
N LEU B 192 -15.51 -26.22 4.35
CA LEU B 192 -14.68 -25.47 5.32
C LEU B 192 -13.47 -24.88 4.59
N GLY B 193 -13.40 -23.55 4.52
CA GLY B 193 -12.28 -22.82 3.90
C GLY B 193 -11.45 -22.11 4.95
N VAL B 194 -10.14 -22.38 5.02
CA VAL B 194 -9.21 -21.70 5.97
C VAL B 194 -8.30 -20.75 5.20
N TYR B 195 -7.74 -19.76 5.90
CA TYR B 195 -6.88 -18.69 5.34
C TYR B 195 -6.18 -17.92 6.46
N ASP B 196 -5.04 -17.32 6.15
CA ASP B 196 -4.42 -16.23 6.94
C ASP B 196 -5.36 -15.04 7.01
N VAL B 197 -5.61 -14.54 8.23
CA VAL B 197 -6.15 -13.18 8.44
C VAL B 197 -4.95 -12.27 8.69
N ARG B 198 -4.56 -11.50 7.67
CA ARG B 198 -3.34 -10.64 7.70
C ARG B 198 -3.80 -9.21 7.97
N TYR B 199 -3.85 -8.84 9.24
CA TYR B 199 -4.55 -7.64 9.76
C TYR B 199 -3.88 -6.36 9.25
N ASN B 200 -2.56 -6.25 9.38
CA ASN B 200 -1.79 -4.99 9.15
C ASN B 200 -1.54 -4.73 7.66
N ASN B 201 -1.41 -5.77 6.84
CA ASN B 201 -0.86 -5.69 5.46
C ASN B 201 -0.92 -7.10 4.86
N SER B 202 -0.18 -7.38 3.78
CA SER B 202 -0.27 -8.70 3.08
C SER B 202 1.04 -9.48 3.19
N VAL B 203 2.01 -9.05 4.02
CA VAL B 203 3.35 -9.70 4.07
C VAL B 203 3.22 -11.00 4.87
N ASP B 204 4.11 -11.95 4.59
CA ASP B 204 4.19 -13.28 5.25
C ASP B 204 4.57 -13.09 6.72
N LEU B 205 4.35 -14.12 7.54
CA LEU B 205 4.94 -14.23 8.91
C LEU B 205 6.40 -13.79 8.84
N GLN B 206 6.94 -13.12 9.87
CA GLN B 206 6.26 -12.72 11.08
C GLN B 206 5.38 -11.48 10.85
N GLU B 207 4.15 -11.49 11.38
CA GLU B 207 3.24 -10.32 11.48
C GLU B 207 2.02 -10.68 12.33
N HIS B 208 1.10 -9.73 12.52
CA HIS B 208 -0.20 -9.96 13.20
C HIS B 208 -1.09 -10.78 12.26
N ILE B 209 -1.08 -12.09 12.42
CA ILE B 209 -1.81 -13.03 11.54
C ILE B 209 -2.49 -14.09 12.41
N ASP B 210 -3.80 -14.31 12.20
CA ASP B 210 -4.57 -15.42 12.78
C ASP B 210 -5.01 -16.36 11.65
N VAL B 211 -5.49 -17.56 11.99
CA VAL B 211 -6.11 -18.50 11.01
C VAL B 211 -7.63 -18.30 11.05
N GLY B 212 -8.22 -17.78 9.97
CA GLY B 212 -9.67 -17.64 9.82
C GLY B 212 -10.29 -18.89 9.20
N LEU B 213 -11.62 -19.07 9.36
CA LEU B 213 -12.39 -20.18 8.73
C LEU B 213 -13.79 -19.68 8.32
N SER B 214 -14.16 -19.90 7.07
CA SER B 214 -15.52 -19.66 6.50
C SER B 214 -16.19 -21.01 6.30
N ARG B 215 -17.46 -21.12 6.72
CA ARG B 215 -18.27 -22.37 6.73
C ARG B 215 -19.50 -22.16 5.82
N SER B 216 -19.81 -23.14 4.96
CA SER B 216 -21.01 -23.15 4.09
C SER B 216 -21.72 -24.52 4.14
N THR B 217 -23.00 -24.52 4.50
CA THR B 217 -23.86 -25.73 4.56
C THR B 217 -24.75 -25.82 3.32
N ASP B 218 -24.56 -24.93 2.33
CA ASP B 218 -25.39 -24.88 1.08
C ASP B 218 -24.47 -24.82 -0.15
N LYS B 219 -23.34 -25.54 -0.13
CA LYS B 219 -22.45 -25.78 -1.30
C LYS B 219 -21.90 -24.45 -1.82
N GLY B 220 -21.72 -23.47 -0.93
CA GLY B 220 -20.99 -22.22 -1.19
C GLY B 220 -21.87 -21.03 -1.59
N GLN B 221 -23.20 -21.20 -1.69
CA GLN B 221 -24.12 -20.08 -2.03
C GLN B 221 -24.05 -19.02 -0.91
N THR B 222 -23.96 -19.45 0.35
CA THR B 222 -23.81 -18.56 1.52
C THR B 222 -22.68 -19.09 2.41
N TRP B 223 -21.99 -18.17 3.09
CA TRP B 223 -20.86 -18.46 4.00
C TRP B 223 -21.14 -17.79 5.34
N GLU B 224 -21.06 -18.58 6.41
CA GLU B 224 -21.31 -18.10 7.80
C GLU B 224 -20.17 -17.14 8.15
N PRO B 225 -20.41 -16.17 9.06
CA PRO B 225 -19.36 -15.21 9.40
C PRO B 225 -18.05 -15.90 9.82
N MET B 226 -16.94 -15.25 9.50
CA MET B 226 -15.55 -15.70 9.77
C MET B 226 -15.42 -16.12 11.23
N ARG B 227 -14.93 -17.34 11.47
CA ARG B 227 -14.47 -17.85 12.79
C ARG B 227 -12.94 -17.76 12.82
N ILE B 228 -12.35 -17.40 13.95
CA ILE B 228 -10.88 -17.52 14.18
C ILE B 228 -10.61 -18.94 14.69
N ALA B 229 -10.05 -19.78 13.84
CA ALA B 229 -9.72 -21.20 14.12
C ALA B 229 -8.46 -21.30 14.99
N MET B 230 -7.52 -20.36 14.87
CA MET B 230 -6.29 -20.33 15.70
C MET B 230 -5.71 -18.91 15.78
N SER B 231 -5.19 -18.55 16.96
CA SER B 231 -4.69 -17.20 17.32
C SER B 231 -3.81 -17.27 18.57
N PHE B 232 -2.79 -16.41 18.70
CA PHE B 232 -1.86 -16.42 19.85
C PHE B 232 -1.77 -15.04 20.50
N GLY B 233 -2.58 -14.07 20.06
CA GLY B 233 -2.69 -12.73 20.69
C GLY B 233 -1.35 -12.26 21.23
N GLU B 234 -1.28 -12.00 22.54
CA GLU B 234 -0.07 -11.43 23.21
C GLU B 234 0.56 -12.50 24.13
N THR B 235 0.63 -13.75 23.66
CA THR B 235 1.32 -14.87 24.37
C THR B 235 2.67 -14.37 24.91
N ASP B 236 2.93 -14.61 26.19
CA ASP B 236 4.22 -14.35 26.91
C ASP B 236 4.50 -12.85 27.01
N GLY B 237 3.51 -12.01 26.69
CA GLY B 237 3.62 -10.54 26.77
C GLY B 237 4.35 -9.96 25.57
N LEU B 238 4.56 -10.74 24.52
CA LEU B 238 5.09 -10.25 23.23
C LEU B 238 3.92 -9.72 22.40
N PRO B 239 4.11 -8.64 21.61
CA PRO B 239 3.04 -8.10 20.79
C PRO B 239 2.40 -9.16 19.88
N SER B 240 1.14 -8.99 19.49
CA SER B 240 0.39 -9.86 18.54
C SER B 240 1.11 -9.87 17.18
N GLY B 241 1.82 -8.79 16.86
CA GLY B 241 2.64 -8.64 15.65
C GLY B 241 3.88 -9.54 15.67
N GLN B 242 4.26 -10.06 16.85
CA GLN B 242 5.36 -11.04 17.04
C GLN B 242 4.77 -12.35 17.59
N ASN B 243 3.53 -12.67 17.19
CA ASN B 243 2.79 -13.89 17.64
C ASN B 243 1.87 -14.39 16.53
N GLY B 244 2.21 -14.11 15.27
CA GLY B 244 1.42 -14.55 14.10
C GLY B 244 1.37 -16.07 14.02
N VAL B 245 0.26 -16.59 13.50
CA VAL B 245 0.11 -18.03 13.12
C VAL B 245 -0.64 -18.08 11.79
N GLY B 246 -0.16 -18.90 10.84
CA GLY B 246 -0.71 -18.91 9.48
C GLY B 246 -0.12 -20.01 8.61
N ASP B 247 -0.29 -19.85 7.29
CA ASP B 247 0.03 -20.86 6.26
C ASP B 247 -0.76 -22.14 6.54
N PRO B 248 -2.09 -22.05 6.80
CA PRO B 248 -2.84 -23.20 7.29
C PRO B 248 -3.00 -24.34 6.27
N SER B 249 -3.13 -25.56 6.77
CA SER B 249 -3.54 -26.77 6.03
C SER B 249 -4.64 -27.44 6.85
N ILE B 250 -5.75 -27.79 6.18
CA ILE B 250 -6.96 -28.40 6.81
C ILE B 250 -7.18 -29.79 6.20
N LEU B 251 -7.59 -30.76 7.03
CA LEU B 251 -8.09 -32.08 6.53
C LEU B 251 -9.26 -32.53 7.40
N VAL B 252 -10.15 -33.33 6.81
CA VAL B 252 -11.27 -34.00 7.51
C VAL B 252 -10.81 -35.45 7.74
N ASP B 253 -10.81 -35.90 9.01
CA ASP B 253 -10.67 -37.32 9.37
C ASP B 253 -11.99 -38.00 8.96
N GLU B 254 -12.00 -38.67 7.82
CA GLU B 254 -13.25 -39.17 7.16
C GLU B 254 -13.87 -40.28 8.01
N ARG B 255 -13.10 -40.94 8.87
CA ARG B 255 -13.63 -41.99 9.79
C ARG B 255 -14.53 -41.36 10.86
N THR B 256 -14.15 -40.21 11.42
CA THR B 256 -14.79 -39.61 12.62
C THR B 256 -15.50 -38.29 12.27
N ASN B 257 -15.19 -37.69 11.12
CA ASN B 257 -15.61 -36.32 10.74
C ASN B 257 -14.92 -35.28 11.64
N THR B 258 -13.93 -35.68 12.45
CA THR B 258 -13.06 -34.73 13.19
C THR B 258 -12.25 -33.93 12.15
N VAL B 259 -12.37 -32.61 12.17
CA VAL B 259 -11.61 -31.69 11.26
C VAL B 259 -10.35 -31.21 12.00
N TRP B 260 -9.22 -31.17 11.30
CA TRP B 260 -7.89 -30.78 11.85
C TRP B 260 -7.30 -29.61 11.04
N VAL B 261 -6.76 -28.60 11.72
CA VAL B 261 -6.06 -27.45 11.11
C VAL B 261 -4.66 -27.34 11.72
N VAL B 262 -3.64 -27.46 10.89
CA VAL B 262 -2.20 -27.31 11.27
C VAL B 262 -1.68 -25.99 10.69
N ALA B 263 -0.81 -25.32 11.44
CA ALA B 263 -0.34 -23.96 11.11
C ALA B 263 0.98 -23.69 11.83
N ALA B 264 1.71 -22.68 11.38
CA ALA B 264 3.04 -22.28 11.88
C ALA B 264 2.87 -21.02 12.75
N TRP B 265 3.20 -21.14 14.03
CA TRP B 265 3.21 -20.02 15.00
C TRP B 265 4.63 -19.48 15.11
N THR B 266 4.83 -18.23 14.72
CA THR B 266 6.11 -17.54 14.83
C THR B 266 5.99 -16.61 16.03
N HIS B 267 6.93 -16.75 16.98
CA HIS B 267 7.00 -16.05 18.29
C HIS B 267 8.32 -15.26 18.34
N GLY B 268 8.25 -13.93 18.39
CA GLY B 268 9.42 -13.03 18.32
C GLY B 268 9.73 -12.62 16.88
N MET B 269 11.00 -12.63 16.49
CA MET B 269 11.50 -12.50 15.09
C MET B 269 11.31 -11.09 14.54
N GLY B 270 11.19 -10.08 15.41
CA GLY B 270 10.98 -8.68 15.01
C GLY B 270 9.82 -8.57 14.02
N ASN B 271 10.03 -7.81 12.95
CA ASN B 271 9.03 -7.57 11.89
C ASN B 271 9.61 -8.08 10.56
N ALA B 272 10.32 -9.21 10.59
CA ALA B 272 11.02 -9.80 9.42
C ALA B 272 10.34 -11.10 9.02
N ARG B 273 10.70 -11.61 7.85
CA ARG B 273 10.12 -12.83 7.26
C ARG B 273 10.70 -14.04 8.02
N ALA B 274 9.81 -14.90 8.49
CA ALA B 274 10.17 -16.16 9.20
C ALA B 274 10.99 -17.08 8.29
N TRP B 275 10.73 -17.06 6.98
CA TRP B 275 11.39 -17.97 6.00
C TRP B 275 12.92 -17.86 6.11
N THR B 276 13.46 -16.67 6.37
CA THR B 276 14.93 -16.43 6.50
C THR B 276 15.33 -16.20 7.96
N ASN B 277 14.38 -16.07 8.90
CA ASN B 277 14.70 -15.66 10.29
C ASN B 277 14.34 -16.72 11.32
N SER B 278 13.49 -17.72 11.01
CA SER B 278 13.31 -18.91 11.87
C SER B 278 14.66 -19.66 11.92
N MET B 279 15.07 -20.13 13.10
CA MET B 279 16.44 -20.65 13.35
C MET B 279 16.37 -22.02 14.01
N PRO B 280 17.47 -22.82 14.01
CA PRO B 280 17.49 -24.12 14.68
C PRO B 280 17.06 -24.08 16.16
N GLY B 281 16.68 -25.24 16.71
CA GLY B 281 16.22 -25.40 18.11
C GLY B 281 14.80 -25.94 18.16
N MET B 282 14.10 -25.74 19.28
CA MET B 282 12.78 -26.40 19.56
C MET B 282 11.78 -25.44 20.25
N THR B 283 12.25 -24.51 21.08
CA THR B 283 11.36 -23.63 21.89
C THR B 283 10.71 -22.58 21.00
N PRO B 284 9.54 -22.05 21.41
CA PRO B 284 8.90 -20.93 20.71
C PRO B 284 9.83 -19.72 20.51
N ASP B 285 10.75 -19.46 21.44
CA ASP B 285 11.72 -18.32 21.35
C ASP B 285 12.76 -18.58 20.24
N GLU B 286 12.99 -19.85 19.89
CA GLU B 286 14.11 -20.29 19.02
C GLU B 286 13.68 -20.42 17.56
N THR B 287 12.51 -21.02 17.32
CA THR B 287 12.09 -21.57 16.01
C THR B 287 10.57 -21.58 15.90
N ALA B 288 10.05 -21.47 14.67
CA ALA B 288 8.62 -21.62 14.35
C ALA B 288 8.10 -22.93 14.96
N GLN B 289 6.88 -22.90 15.47
CA GLN B 289 6.21 -24.00 16.17
C GLN B 289 5.09 -24.55 15.28
N LEU B 290 4.93 -25.88 15.27
CA LEU B 290 3.85 -26.58 14.52
C LEU B 290 2.66 -26.76 15.46
N MET B 291 1.57 -26.04 15.21
CA MET B 291 0.37 -25.96 16.10
C MET B 291 -0.83 -26.59 15.40
N MET B 292 -1.68 -27.28 16.17
CA MET B 292 -2.90 -27.94 15.61
C MET B 292 -4.10 -27.65 16.50
N VAL B 293 -5.24 -27.39 15.86
CA VAL B 293 -6.60 -27.32 16.50
C VAL B 293 -7.48 -28.39 15.83
N LYS B 294 -8.58 -28.77 16.47
CA LYS B 294 -9.57 -29.73 15.93
C LYS B 294 -10.99 -29.21 16.21
N SER B 295 -11.92 -29.60 15.34
CA SER B 295 -13.38 -29.38 15.48
C SER B 295 -14.06 -30.76 15.45
N THR B 296 -14.92 -31.01 16.42
CA THR B 296 -15.70 -32.26 16.57
C THR B 296 -17.16 -31.97 16.24
N ASP B 297 -17.49 -30.74 15.85
CA ASP B 297 -18.88 -30.29 15.58
C ASP B 297 -18.97 -29.69 14.17
N ASP B 298 -18.35 -30.32 13.18
CA ASP B 298 -18.46 -29.99 11.73
C ASP B 298 -17.93 -28.57 11.49
N GLY B 299 -16.90 -28.17 12.22
CA GLY B 299 -16.16 -26.91 12.00
C GLY B 299 -16.85 -25.71 12.62
N ARG B 300 -17.82 -25.90 13.53
CA ARG B 300 -18.55 -24.79 14.18
C ARG B 300 -17.67 -24.18 15.29
N THR B 301 -17.00 -25.02 16.08
CA THR B 301 -16.15 -24.59 17.22
C THR B 301 -14.81 -25.34 17.16
N TRP B 302 -13.76 -24.76 17.75
CA TRP B 302 -12.36 -25.20 17.58
C TRP B 302 -11.66 -25.36 18.94
N SER B 303 -10.93 -26.45 19.12
CA SER B 303 -10.13 -26.73 20.34
C SER B 303 -9.09 -25.63 20.52
N GLU B 304 -8.55 -25.50 21.73
CA GLU B 304 -7.27 -24.79 21.98
C GLU B 304 -6.19 -25.52 21.19
N SER B 305 -5.11 -24.81 20.85
CA SER B 305 -4.02 -25.36 20.01
C SER B 305 -3.18 -26.33 20.86
N THR B 306 -2.75 -27.42 20.25
CA THR B 306 -1.72 -28.35 20.78
C THR B 306 -0.43 -28.07 20.00
N ASN B 307 0.72 -28.10 20.69
CA ASN B 307 2.08 -27.92 20.10
C ASN B 307 2.68 -29.29 19.77
N ILE B 308 2.87 -29.60 18.48
CA ILE B 308 3.35 -30.95 18.06
C ILE B 308 4.81 -30.87 17.59
N THR B 309 5.44 -29.71 17.71
CA THR B 309 6.85 -29.46 17.30
C THR B 309 7.75 -30.60 17.81
N SER B 310 7.72 -30.91 19.11
CA SER B 310 8.64 -31.89 19.75
C SER B 310 8.52 -33.28 19.09
N GLN B 311 7.35 -33.65 18.57
CA GLN B 311 7.13 -35.01 18.01
C GLN B 311 7.85 -35.20 16.67
N VAL B 312 7.99 -34.16 15.84
CA VAL B 312 8.30 -34.31 14.38
C VAL B 312 9.44 -33.40 13.90
N LYS B 313 9.75 -32.30 14.60
CA LYS B 313 10.84 -31.38 14.18
C LYS B 313 12.20 -31.89 14.68
N ASP B 314 13.12 -32.13 13.75
CA ASP B 314 14.57 -32.25 13.99
C ASP B 314 15.07 -30.93 14.55
N PRO B 315 15.81 -30.93 15.68
CA PRO B 315 16.41 -29.72 16.22
C PRO B 315 17.27 -28.87 15.26
N SER B 316 17.94 -29.49 14.29
CA SER B 316 18.91 -28.82 13.39
C SER B 316 18.19 -28.04 12.27
N TRP B 317 16.92 -28.34 12.01
CA TRP B 317 16.12 -27.62 10.98
C TRP B 317 15.92 -26.16 11.42
N CYS B 318 16.02 -25.22 10.47
CA CYS B 318 15.76 -23.78 10.72
C CYS B 318 14.25 -23.56 10.89
N PHE B 319 13.44 -24.43 10.29
CA PHE B 319 11.99 -24.18 10.05
C PHE B 319 11.32 -25.50 9.62
N LEU B 320 10.33 -25.95 10.40
CA LEU B 320 9.37 -27.00 9.97
C LEU B 320 7.97 -26.36 9.93
N LEU B 321 7.25 -26.57 8.83
CA LEU B 321 5.82 -26.20 8.74
C LEU B 321 5.08 -27.12 7.76
N GLN B 322 3.75 -27.14 7.90
CA GLN B 322 2.79 -27.77 6.96
C GLN B 322 2.97 -27.17 5.55
N GLY B 323 2.69 -27.96 4.53
CA GLY B 323 2.37 -27.44 3.19
C GLY B 323 1.00 -26.80 3.24
N PRO B 324 0.84 -25.52 2.87
CA PRO B 324 -0.48 -24.89 2.90
C PRO B 324 -1.46 -25.60 1.97
N GLY B 325 -2.74 -25.53 2.34
CA GLY B 325 -3.88 -26.08 1.56
C GLY B 325 -4.65 -27.08 2.39
N ARG B 326 -4.48 -28.36 2.08
CA ARG B 326 -5.23 -29.45 2.75
C ARG B 326 -4.33 -30.67 2.92
N GLY B 327 -4.78 -31.57 3.81
CA GLY B 327 -4.28 -32.95 3.96
C GLY B 327 -5.40 -33.90 3.59
N ILE B 328 -5.19 -35.20 3.80
CA ILE B 328 -6.15 -36.28 3.38
C ILE B 328 -6.30 -37.29 4.52
N THR B 329 -7.40 -38.04 4.46
CA THR B 329 -7.54 -39.41 5.04
C THR B 329 -7.27 -40.40 3.91
N MET B 330 -6.39 -41.38 4.15
CA MET B 330 -6.14 -42.52 3.23
C MET B 330 -7.23 -43.57 3.46
N ARG B 331 -7.35 -44.55 2.57
CA ARG B 331 -8.38 -45.63 2.60
C ARG B 331 -8.27 -46.43 3.90
N ASP B 332 -7.05 -46.60 4.43
CA ASP B 332 -6.76 -47.34 5.69
C ASP B 332 -6.92 -46.43 6.92
N GLY B 333 -7.36 -45.17 6.72
CA GLY B 333 -7.70 -44.25 7.82
C GLY B 333 -6.51 -43.47 8.34
N THR B 334 -5.34 -43.56 7.70
CA THR B 334 -4.15 -42.73 8.03
C THR B 334 -4.46 -41.28 7.65
N LEU B 335 -4.24 -40.34 8.56
CA LEU B 335 -4.32 -38.88 8.28
C LEU B 335 -2.96 -38.42 7.76
N VAL B 336 -2.92 -37.68 6.64
CA VAL B 336 -1.64 -37.22 6.01
C VAL B 336 -1.73 -35.71 5.70
N PHE B 337 -0.81 -34.94 6.27
CA PHE B 337 -0.55 -33.51 5.98
C PHE B 337 0.79 -33.39 5.27
N PRO B 338 0.85 -32.73 4.09
CA PRO B 338 2.13 -32.40 3.48
C PRO B 338 2.86 -31.44 4.43
N ILE B 339 4.19 -31.55 4.48
CA ILE B 339 5.07 -30.68 5.30
C ILE B 339 6.27 -30.24 4.45
N GLN B 340 7.04 -29.30 4.99
CA GLN B 340 8.27 -28.75 4.37
C GLN B 340 9.21 -28.30 5.48
N PHE B 341 10.50 -28.55 5.34
CA PHE B 341 11.51 -28.10 6.32
C PHE B 341 12.70 -27.50 5.58
N ILE B 342 13.25 -26.45 6.19
CA ILE B 342 14.57 -25.83 5.86
C ILE B 342 15.62 -26.52 6.74
N ASP B 343 16.62 -27.15 6.12
CA ASP B 343 17.66 -27.94 6.81
C ASP B 343 18.71 -26.97 7.36
N SER B 344 19.71 -27.50 8.08
CA SER B 344 20.78 -26.72 8.76
C SER B 344 21.54 -25.87 7.75
N LEU B 345 21.53 -26.21 6.46
CA LEU B 345 22.26 -25.46 5.40
C LEU B 345 21.30 -24.55 4.61
N ARG B 346 20.10 -24.29 5.15
CA ARG B 346 19.06 -23.38 4.56
C ARG B 346 18.50 -23.96 3.26
N VAL B 347 18.53 -25.29 3.07
CA VAL B 347 17.97 -25.94 1.85
C VAL B 347 16.58 -26.46 2.18
N PRO B 348 15.52 -26.01 1.47
CA PRO B 348 14.17 -26.49 1.73
C PRO B 348 13.89 -27.86 1.09
N HIS B 349 13.09 -28.68 1.78
CA HIS B 349 12.66 -30.03 1.34
C HIS B 349 11.17 -30.19 1.61
N ALA B 350 10.43 -30.74 0.65
CA ALA B 350 9.02 -31.16 0.82
C ALA B 350 9.00 -32.61 1.33
N GLY B 351 7.98 -32.95 2.10
CA GLY B 351 7.75 -34.32 2.61
C GLY B 351 6.32 -34.50 3.09
N ILE B 352 6.04 -35.57 3.84
CA ILE B 352 4.70 -35.77 4.45
C ILE B 352 4.86 -36.11 5.93
N MET B 353 3.83 -35.73 6.68
CA MET B 353 3.59 -36.04 8.11
C MET B 353 2.27 -36.78 8.18
N TYR B 354 2.19 -37.83 8.99
CA TYR B 354 0.98 -38.68 9.09
C TYR B 354 0.74 -39.11 10.54
N SER B 355 -0.53 -39.37 10.85
CA SER B 355 -1.02 -39.99 12.10
C SER B 355 -1.74 -41.28 11.75
N LYS B 356 -1.46 -42.35 12.48
CA LYS B 356 -2.16 -43.66 12.34
C LYS B 356 -3.15 -43.84 13.49
N ASP B 357 -3.27 -42.85 14.38
CA ASP B 357 -4.01 -42.96 15.67
C ASP B 357 -4.99 -41.78 15.81
N ARG B 358 -5.68 -41.40 14.74
CA ARG B 358 -6.78 -40.38 14.72
C ARG B 358 -6.25 -38.97 15.00
N GLY B 359 -4.94 -38.74 14.92
CA GLY B 359 -4.30 -37.42 15.11
C GLY B 359 -3.70 -37.25 16.49
N GLU B 360 -3.47 -38.36 17.20
CA GLU B 360 -2.89 -38.36 18.57
C GLU B 360 -1.38 -38.14 18.48
N THR B 361 -0.68 -38.87 17.62
CA THR B 361 0.79 -38.75 17.40
C THR B 361 1.06 -38.60 15.90
N TRP B 362 2.10 -37.83 15.56
CA TRP B 362 2.50 -37.52 14.17
C TRP B 362 3.96 -37.92 13.95
N HIS B 363 4.28 -38.32 12.72
CA HIS B 363 5.60 -38.84 12.32
C HIS B 363 5.98 -38.22 10.96
N ILE B 364 7.25 -37.87 10.81
CA ILE B 364 7.87 -37.51 9.51
C ILE B 364 9.08 -38.41 9.32
N HIS B 365 9.23 -38.98 8.12
CA HIS B 365 10.37 -39.85 7.74
C HIS B 365 11.33 -39.02 6.89
N GLN B 366 11.48 -39.31 5.59
CA GLN B 366 12.54 -38.76 4.73
C GLN B 366 11.95 -37.72 3.78
N PRO B 367 12.73 -36.71 3.35
CA PRO B 367 12.23 -35.72 2.38
C PRO B 367 12.10 -36.37 1.00
N ALA B 368 11.21 -35.85 0.15
CA ALA B 368 10.91 -36.37 -1.21
C ALA B 368 11.94 -35.87 -2.22
N ARG B 369 12.37 -34.60 -2.13
CA ARG B 369 13.19 -33.93 -3.16
C ARG B 369 13.82 -32.66 -2.57
N THR B 370 15.06 -32.37 -2.95
CA THR B 370 15.80 -31.16 -2.54
C THR B 370 15.24 -29.91 -3.26
N ASN B 371 15.27 -28.77 -2.58
CA ASN B 371 14.90 -27.44 -3.12
C ASN B 371 13.44 -27.46 -3.60
N THR B 372 12.59 -28.13 -2.85
CA THR B 372 11.11 -28.01 -2.96
C THR B 372 10.57 -27.43 -1.66
N THR B 373 9.35 -26.87 -1.70
CA THR B 373 8.70 -26.20 -0.54
C THR B 373 7.25 -26.70 -0.43
N GLU B 374 6.31 -25.91 -0.92
CA GLU B 374 4.86 -26.17 -0.77
C GLU B 374 4.49 -27.39 -1.63
N ALA B 375 3.80 -28.36 -1.03
CA ALA B 375 3.39 -29.62 -1.69
C ALA B 375 1.98 -29.99 -1.24
N GLN B 376 1.26 -30.74 -2.07
CA GLN B 376 -0.06 -31.33 -1.77
C GLN B 376 0.00 -32.82 -2.11
N VAL B 377 -0.65 -33.64 -1.31
CA VAL B 377 -0.57 -35.13 -1.43
C VAL B 377 -1.96 -35.66 -1.77
N ALA B 378 -2.01 -36.67 -2.63
CA ALA B 378 -3.23 -37.45 -2.94
C ALA B 378 -2.88 -38.95 -2.92
N GLU B 379 -3.83 -39.78 -2.51
CA GLU B 379 -3.69 -41.26 -2.57
C GLU B 379 -4.19 -41.70 -3.95
N VAL B 380 -3.29 -41.71 -4.94
CA VAL B 380 -3.61 -41.96 -6.38
C VAL B 380 -4.09 -43.41 -6.56
N GLU B 381 -3.60 -44.36 -5.76
CA GLU B 381 -4.12 -45.76 -5.72
C GLU B 381 -3.84 -46.32 -4.34
N PRO B 382 -4.52 -47.41 -3.90
CA PRO B 382 -4.49 -47.83 -2.51
C PRO B 382 -3.06 -47.98 -1.97
N GLY B 383 -2.73 -47.23 -0.90
CA GLY B 383 -1.42 -47.29 -0.21
C GLY B 383 -0.33 -46.56 -0.97
N VAL B 384 -0.68 -45.81 -2.03
CA VAL B 384 0.28 -45.11 -2.94
C VAL B 384 0.02 -43.60 -2.89
N LEU B 385 0.93 -42.86 -2.23
CA LEU B 385 0.84 -41.39 -2.06
C LEU B 385 1.67 -40.69 -3.15
N MET B 386 1.03 -39.77 -3.86
CA MET B 386 1.65 -38.86 -4.86
C MET B 386 1.88 -37.50 -4.19
N LEU B 387 3.14 -37.09 -3.99
CA LEU B 387 3.48 -35.73 -3.52
C LEU B 387 3.78 -34.84 -4.74
N ASN B 388 3.03 -33.74 -4.89
CA ASN B 388 3.11 -32.76 -6.00
C ASN B 388 3.68 -31.46 -5.41
N MET B 389 4.84 -31.02 -5.89
CA MET B 389 5.77 -30.09 -5.18
C MET B 389 6.04 -28.81 -6.00
N ARG B 390 5.96 -27.66 -5.34
CA ARG B 390 6.58 -26.38 -5.77
C ARG B 390 8.11 -26.58 -5.81
N ASP B 391 8.73 -26.24 -6.94
CA ASP B 391 10.18 -26.51 -7.21
C ASP B 391 10.89 -25.20 -7.49
N ASN B 392 11.94 -24.89 -6.74
CA ASN B 392 12.67 -23.59 -6.82
C ASN B 392 13.44 -23.52 -8.14
N ARG B 393 13.57 -24.63 -8.88
CA ARG B 393 14.28 -24.65 -10.19
C ARG B 393 13.45 -23.91 -11.24
N GLY B 394 12.13 -23.82 -11.04
CA GLY B 394 11.19 -23.10 -11.91
C GLY B 394 10.68 -23.96 -13.05
N GLY B 395 9.60 -23.55 -13.69
CA GLY B 395 9.10 -24.15 -14.93
C GLY B 395 8.02 -25.19 -14.72
N SER B 396 8.10 -26.02 -13.69
CA SER B 396 7.27 -27.25 -13.63
C SER B 396 7.25 -27.86 -12.23
N ARG B 397 6.12 -28.51 -11.89
CA ARG B 397 5.92 -29.18 -10.59
C ARG B 397 6.80 -30.44 -10.54
N ALA B 398 7.43 -30.69 -9.39
CA ALA B 398 8.07 -31.97 -9.07
C ALA B 398 7.00 -32.96 -8.58
N VAL B 399 7.08 -34.23 -8.99
CA VAL B 399 6.08 -35.28 -8.63
C VAL B 399 6.85 -36.54 -8.22
N SER B 400 6.60 -37.00 -6.99
CA SER B 400 7.23 -38.23 -6.41
C SER B 400 6.13 -39.12 -5.84
N ILE B 401 6.44 -40.41 -5.69
CA ILE B 401 5.53 -41.45 -5.12
C ILE B 401 6.21 -42.00 -3.87
N THR B 402 5.44 -42.26 -2.82
CA THR B 402 5.85 -43.11 -1.67
C THR B 402 4.77 -44.18 -1.46
N ARG B 403 5.17 -45.39 -1.11
CA ARG B 403 4.25 -46.50 -0.74
C ARG B 403 4.45 -46.84 0.73
N ASP B 404 5.32 -46.09 1.42
CA ASP B 404 5.77 -46.40 2.81
C ASP B 404 5.75 -45.11 3.65
N LEU B 405 4.86 -44.16 3.32
CA LEU B 405 4.58 -42.92 4.10
C LEU B 405 5.86 -42.07 4.23
N GLY B 406 6.73 -42.11 3.21
CA GLY B 406 7.86 -41.17 3.04
C GLY B 406 9.17 -41.72 3.58
N LYS B 407 9.23 -43.00 3.94
CA LYS B 407 10.50 -43.70 4.30
C LYS B 407 11.38 -43.73 3.04
N SER B 408 10.79 -44.06 1.89
CA SER B 408 11.45 -44.04 0.55
C SER B 408 10.56 -43.32 -0.47
N TRP B 409 11.18 -42.78 -1.52
CA TRP B 409 10.50 -41.97 -2.57
C TRP B 409 10.96 -42.41 -3.95
N THR B 410 10.03 -42.45 -4.90
CA THR B 410 10.30 -42.71 -6.34
C THR B 410 9.82 -41.52 -7.16
N GLU B 411 10.61 -41.09 -8.16
CA GLU B 411 10.22 -40.07 -9.17
C GLU B 411 9.04 -40.60 -10.00
N HIS B 412 7.99 -39.80 -10.16
CA HIS B 412 6.86 -40.09 -11.08
C HIS B 412 7.24 -39.67 -12.50
N SER B 413 6.73 -40.37 -13.52
CA SER B 413 6.92 -40.08 -14.96
C SER B 413 6.59 -38.60 -15.28
N SER B 414 5.61 -38.02 -14.57
CA SER B 414 5.08 -36.66 -14.80
C SER B 414 6.01 -35.60 -14.17
N ASN B 415 6.99 -36.03 -13.39
CA ASN B 415 7.96 -35.16 -12.67
C ASN B 415 8.57 -34.16 -13.64
N ARG B 416 8.55 -32.88 -13.27
CA ARG B 416 9.30 -31.79 -13.95
C ARG B 416 9.06 -31.88 -15.47
N SER B 417 7.80 -32.07 -15.88
CA SER B 417 7.42 -32.24 -17.30
C SER B 417 5.95 -31.88 -17.52
N ALA B 418 5.02 -32.58 -16.87
CA ALA B 418 3.59 -32.58 -17.24
C ALA B 418 2.87 -31.31 -16.77
N LEU B 419 3.25 -30.72 -15.63
CA LEU B 419 2.50 -29.60 -15.01
C LEU B 419 3.37 -28.34 -14.94
N PRO B 420 3.19 -27.39 -15.87
CA PRO B 420 3.86 -26.10 -15.79
C PRO B 420 3.53 -25.31 -14.51
N GLU B 421 4.52 -24.58 -13.97
CA GLU B 421 4.28 -23.60 -12.86
C GLU B 421 5.33 -22.48 -12.91
N SER B 422 5.10 -21.45 -12.11
CA SER B 422 5.90 -20.21 -11.98
C SER B 422 6.53 -20.17 -10.60
N ILE B 423 6.52 -21.30 -9.90
CA ILE B 423 6.98 -21.47 -8.48
C ILE B 423 5.91 -20.85 -7.57
N CYS B 424 4.89 -21.66 -7.28
CA CYS B 424 3.62 -21.21 -6.65
C CYS B 424 2.93 -22.44 -6.06
N MET B 425 2.15 -22.24 -5.00
CA MET B 425 1.32 -23.29 -4.38
C MET B 425 0.41 -23.87 -5.46
N ALA B 426 0.17 -25.17 -5.41
CA ALA B 426 -0.81 -25.85 -6.30
C ALA B 426 -1.59 -26.85 -5.47
N SER B 427 -2.84 -27.09 -5.87
CA SER B 427 -3.77 -28.08 -5.26
C SER B 427 -3.80 -29.35 -6.12
N LEU B 428 -3.73 -30.51 -5.47
CA LEU B 428 -3.95 -31.84 -6.07
C LEU B 428 -4.89 -32.63 -5.15
N ILE B 429 -5.96 -33.21 -5.69
CA ILE B 429 -6.87 -34.13 -4.96
C ILE B 429 -7.12 -35.36 -5.83
N SER B 430 -7.46 -36.49 -5.18
CA SER B 430 -7.94 -37.75 -5.80
C SER B 430 -9.44 -37.90 -5.53
N VAL B 431 -10.16 -38.38 -6.53
CA VAL B 431 -11.62 -38.65 -6.44
C VAL B 431 -11.84 -40.11 -6.85
N LYS B 432 -12.31 -40.94 -5.92
CA LYS B 432 -12.57 -42.38 -6.17
C LYS B 432 -13.72 -42.49 -7.19
N ALA B 433 -13.70 -43.55 -8.01
CA ALA B 433 -14.68 -43.82 -9.08
C ALA B 433 -16.11 -43.80 -8.53
N LYS B 434 -16.32 -44.44 -7.38
CA LYS B 434 -17.66 -44.61 -6.76
C LYS B 434 -18.17 -43.28 -6.19
N ASP B 435 -17.30 -42.29 -6.02
CA ASP B 435 -17.61 -41.02 -5.32
C ASP B 435 -17.95 -39.91 -6.32
N ASN B 436 -17.95 -40.18 -7.64
CA ASN B 436 -18.18 -39.13 -8.66
C ASN B 436 -18.95 -39.70 -9.86
N ILE B 437 -19.62 -38.81 -10.61
CA ILE B 437 -20.62 -39.15 -11.67
C ILE B 437 -19.93 -39.69 -12.93
N ILE B 438 -18.62 -39.50 -13.08
CA ILE B 438 -17.82 -40.09 -14.20
C ILE B 438 -17.70 -41.61 -13.97
N GLY B 439 -17.74 -42.04 -12.70
CA GLY B 439 -17.58 -43.46 -12.33
C GLY B 439 -16.16 -43.94 -12.57
N LYS B 440 -15.18 -43.02 -12.60
CA LYS B 440 -13.74 -43.30 -12.86
C LYS B 440 -12.88 -42.56 -11.83
N ASP B 441 -11.80 -43.17 -11.35
CA ASP B 441 -10.81 -42.46 -10.50
C ASP B 441 -10.35 -41.22 -11.27
N LEU B 442 -10.32 -40.07 -10.61
CA LEU B 442 -9.80 -38.80 -11.16
C LEU B 442 -8.66 -38.32 -10.25
N LEU B 443 -7.66 -37.65 -10.84
CA LEU B 443 -6.86 -36.60 -10.14
C LEU B 443 -7.31 -35.24 -10.67
N LEU B 444 -7.52 -34.28 -9.76
CA LEU B 444 -7.82 -32.88 -10.11
C LEU B 444 -6.70 -32.02 -9.50
N PHE B 445 -6.22 -31.06 -10.29
CA PHE B 445 -5.07 -30.18 -9.97
C PHE B 445 -5.46 -28.75 -10.33
N SER B 446 -5.04 -27.78 -9.54
CA SER B 446 -5.23 -26.34 -9.85
C SER B 446 -3.98 -25.56 -9.48
N ASN B 447 -3.63 -24.62 -10.34
CA ASN B 447 -2.51 -23.67 -10.12
C ASN B 447 -2.62 -22.59 -11.18
N PRO B 448 -1.77 -21.55 -11.11
CA PRO B 448 -1.60 -20.62 -12.22
C PRO B 448 -0.89 -21.40 -13.33
N ASN B 449 -1.61 -21.63 -14.44
CA ASN B 449 -1.15 -22.41 -15.60
C ASN B 449 -0.25 -21.52 -16.50
N THR B 450 0.95 -21.21 -16.01
CA THR B 450 1.97 -20.33 -16.64
C THR B 450 3.33 -20.61 -15.98
N THR B 451 4.42 -20.33 -16.68
CA THR B 451 5.80 -20.45 -16.14
C THR B 451 6.27 -19.07 -15.65
N GLU B 452 5.50 -18.01 -15.88
CA GLU B 452 5.81 -16.64 -15.44
C GLU B 452 4.55 -16.00 -14.84
N GLY B 453 4.71 -15.34 -13.69
CA GLY B 453 3.63 -14.57 -13.03
C GLY B 453 2.60 -15.50 -12.42
N ARG B 454 1.50 -14.93 -11.94
CA ARG B 454 0.37 -15.70 -11.34
C ARG B 454 -0.93 -15.24 -11.96
N HIS B 455 -1.41 -16.03 -12.91
CA HIS B 455 -2.62 -15.78 -13.72
C HIS B 455 -3.01 -17.09 -14.38
N HIS B 456 -4.16 -17.12 -15.08
CA HIS B 456 -4.68 -18.32 -15.77
C HIS B 456 -4.85 -19.45 -14.76
N ILE B 457 -5.48 -19.15 -13.63
CA ILE B 457 -5.91 -20.17 -12.63
C ILE B 457 -6.78 -21.17 -13.41
N THR B 458 -6.41 -22.44 -13.37
CA THR B 458 -6.99 -23.51 -14.22
C THR B 458 -7.14 -24.78 -13.37
N ILE B 459 -8.30 -25.43 -13.47
CA ILE B 459 -8.50 -26.82 -12.97
C ILE B 459 -8.20 -27.78 -14.13
N LYS B 460 -7.33 -28.77 -13.85
CA LYS B 460 -6.94 -29.83 -14.82
C LYS B 460 -7.37 -31.17 -14.23
N ALA B 461 -7.85 -32.08 -15.07
CA ALA B 461 -8.23 -33.46 -14.67
C ALA B 461 -7.35 -34.47 -15.41
N SER B 462 -7.01 -35.56 -14.73
CA SER B 462 -6.27 -36.75 -15.26
C SER B 462 -7.10 -38.01 -14.99
N LEU B 463 -7.19 -38.90 -15.99
CA LEU B 463 -7.91 -40.19 -15.92
C LEU B 463 -6.93 -41.33 -15.67
N ASP B 464 -5.61 -41.09 -15.73
CA ASP B 464 -4.57 -42.15 -15.72
C ASP B 464 -3.58 -41.92 -14.56
N GLY B 465 -4.08 -41.48 -13.40
CA GLY B 465 -3.28 -41.34 -12.16
C GLY B 465 -2.22 -40.27 -12.29
N GLY B 466 -2.50 -39.21 -13.06
CA GLY B 466 -1.61 -38.03 -13.23
C GLY B 466 -0.40 -38.34 -14.11
N VAL B 467 -0.48 -39.37 -14.96
CA VAL B 467 0.55 -39.64 -16.00
C VAL B 467 0.34 -38.61 -17.11
N THR B 468 -0.92 -38.36 -17.49
CA THR B 468 -1.31 -37.43 -18.58
C THR B 468 -2.35 -36.43 -18.05
N TRP B 469 -2.20 -35.17 -18.47
CA TRP B 469 -3.17 -34.07 -18.25
C TRP B 469 -3.57 -33.52 -19.61
N LEU B 470 -4.59 -34.09 -20.23
CA LEU B 470 -5.03 -33.69 -21.59
C LEU B 470 -5.59 -32.26 -21.54
N PRO B 471 -5.18 -31.40 -22.49
CA PRO B 471 -5.67 -30.02 -22.60
C PRO B 471 -7.20 -29.89 -22.52
N ALA B 472 -7.92 -30.81 -23.18
CA ALA B 472 -9.40 -30.84 -23.25
C ALA B 472 -10.00 -30.95 -21.84
N HIS B 473 -9.30 -31.58 -20.88
CA HIS B 473 -9.79 -31.85 -19.50
C HIS B 473 -9.37 -30.76 -18.53
N GLN B 474 -9.55 -29.49 -18.94
CA GLN B 474 -9.07 -28.29 -18.20
C GLN B 474 -10.12 -27.19 -18.34
N VAL B 475 -10.37 -26.43 -17.27
CA VAL B 475 -11.23 -25.22 -17.31
C VAL B 475 -10.44 -24.04 -16.76
N LEU B 476 -10.33 -22.99 -17.58
CA LEU B 476 -9.74 -21.68 -17.21
C LEU B 476 -10.80 -20.90 -16.42
N LEU B 477 -10.45 -20.47 -15.20
CA LEU B 477 -11.33 -19.69 -14.31
C LEU B 477 -10.91 -18.22 -14.20
N ASP B 478 -9.61 -17.89 -14.24
CA ASP B 478 -9.14 -16.51 -13.97
C ASP B 478 -7.89 -16.22 -14.81
N GLU B 479 -8.05 -15.54 -15.95
CA GLU B 479 -6.92 -15.23 -16.87
C GLU B 479 -6.18 -13.97 -16.42
N GLU B 480 -6.62 -13.29 -15.35
CA GLU B 480 -5.97 -12.03 -14.89
C GLU B 480 -5.11 -12.31 -13.64
N ASP B 481 -4.41 -11.29 -13.16
CA ASP B 481 -3.27 -11.44 -12.21
C ASP B 481 -3.81 -11.52 -10.79
N GLY B 482 -3.24 -12.43 -10.01
CA GLY B 482 -3.57 -12.58 -8.57
C GLY B 482 -2.39 -13.14 -7.82
N TRP B 483 -2.59 -13.53 -6.56
CA TRP B 483 -1.54 -14.10 -5.69
C TRP B 483 -1.41 -15.62 -5.91
N GLY B 484 -2.38 -16.25 -6.59
CA GLY B 484 -2.18 -17.54 -7.28
C GLY B 484 -2.44 -18.81 -6.48
N TYR B 485 -2.53 -18.76 -5.13
CA TYR B 485 -2.74 -19.98 -4.30
C TYR B 485 -4.18 -20.46 -4.45
N SER B 486 -4.39 -21.78 -4.43
CA SER B 486 -5.73 -22.38 -4.64
C SER B 486 -5.85 -23.67 -3.85
N CYS B 487 -7.06 -24.12 -3.58
CA CYS B 487 -7.31 -25.44 -2.94
C CYS B 487 -8.64 -26.00 -3.46
N LEU B 488 -8.61 -27.28 -3.85
CA LEU B 488 -9.78 -28.01 -4.42
C LEU B 488 -10.41 -28.89 -3.33
N SER B 489 -11.72 -29.06 -3.41
CA SER B 489 -12.50 -30.09 -2.67
C SER B 489 -13.76 -30.42 -3.48
N MET B 490 -14.05 -31.70 -3.68
CA MET B 490 -15.34 -32.13 -4.28
C MET B 490 -16.46 -31.65 -3.33
N ILE B 491 -17.46 -30.96 -3.90
CA ILE B 491 -18.66 -30.46 -3.19
C ILE B 491 -19.64 -31.62 -3.03
N ASP B 492 -19.84 -32.38 -4.12
CA ASP B 492 -20.78 -33.52 -4.21
C ASP B 492 -20.26 -34.45 -5.31
N ARG B 493 -21.09 -35.36 -5.81
CA ARG B 493 -20.73 -36.36 -6.84
C ARG B 493 -20.47 -35.68 -8.19
N GLU B 494 -21.01 -34.47 -8.39
CA GLU B 494 -21.16 -33.85 -9.73
C GLU B 494 -20.27 -32.61 -9.89
N THR B 495 -19.76 -32.02 -8.80
CA THR B 495 -19.14 -30.66 -8.82
C THR B 495 -17.90 -30.61 -7.92
N VAL B 496 -16.86 -29.94 -8.41
CA VAL B 496 -15.62 -29.64 -7.64
C VAL B 496 -15.66 -28.17 -7.25
N GLY B 497 -15.29 -27.90 -6.01
CA GLY B 497 -15.13 -26.55 -5.44
C GLY B 497 -13.67 -26.15 -5.47
N ILE B 498 -13.40 -24.89 -5.80
CA ILE B 498 -12.06 -24.27 -5.73
C ILE B 498 -12.16 -23.03 -4.85
N PHE B 499 -11.27 -22.95 -3.84
CA PHE B 499 -11.11 -21.83 -2.89
C PHE B 499 -9.73 -21.23 -3.14
N TYR B 500 -9.67 -20.03 -3.72
CA TYR B 500 -8.41 -19.52 -4.32
C TYR B 500 -8.33 -18.00 -4.26
N GLU B 501 -7.08 -17.54 -4.28
CA GLU B 501 -6.70 -16.10 -4.45
C GLU B 501 -6.85 -15.80 -5.93
N SER B 502 -7.79 -14.91 -6.27
CA SER B 502 -8.18 -14.58 -7.66
C SER B 502 -7.89 -13.11 -7.96
N SER B 503 -8.14 -12.71 -9.20
CA SER B 503 -8.06 -11.30 -9.65
C SER B 503 -9.27 -10.52 -9.13
N VAL B 504 -10.30 -11.19 -8.57
CA VAL B 504 -11.59 -10.55 -8.20
C VAL B 504 -11.82 -10.56 -6.67
N ALA B 505 -11.07 -11.33 -5.90
CA ALA B 505 -11.20 -11.33 -4.42
C ALA B 505 -10.10 -12.18 -3.78
N HIS B 506 -9.66 -11.79 -2.58
CA HIS B 506 -8.56 -12.46 -1.82
C HIS B 506 -8.91 -13.94 -1.58
N MET B 507 -10.17 -14.22 -1.24
CA MET B 507 -10.71 -15.60 -1.11
C MET B 507 -11.96 -15.72 -1.97
N THR B 508 -11.81 -16.43 -3.09
CA THR B 508 -12.84 -16.63 -4.14
C THR B 508 -13.25 -18.09 -4.12
N PHE B 509 -14.55 -18.36 -4.03
CA PHE B 509 -15.10 -19.72 -4.23
C PHE B 509 -15.84 -19.78 -5.57
N GLN B 510 -15.56 -20.86 -6.30
CA GLN B 510 -16.28 -21.26 -7.55
C GLN B 510 -16.57 -22.76 -7.49
N ALA B 511 -17.66 -23.15 -8.13
CA ALA B 511 -18.12 -24.56 -8.24
C ALA B 511 -18.15 -24.91 -9.72
N VAL B 512 -17.58 -26.06 -10.09
CA VAL B 512 -17.43 -26.49 -11.50
C VAL B 512 -17.95 -27.92 -11.61
N LYS B 513 -18.89 -28.15 -12.53
CA LYS B 513 -19.37 -29.50 -12.88
C LYS B 513 -18.18 -30.28 -13.44
N ILE B 514 -17.92 -31.49 -12.95
CA ILE B 514 -16.81 -32.34 -13.48
C ILE B 514 -17.13 -32.77 -14.93
N LYS B 515 -18.40 -32.64 -15.37
CA LYS B 515 -18.84 -32.88 -16.77
C LYS B 515 -18.39 -31.74 -17.68
N ASP B 516 -18.00 -30.58 -17.13
CA ASP B 516 -17.35 -29.47 -17.87
C ASP B 516 -15.85 -29.78 -18.05
N LEU B 517 -15.22 -30.41 -17.06
CA LEU B 517 -13.82 -30.90 -17.12
C LEU B 517 -13.71 -32.07 -18.12
N ILE B 518 -14.50 -33.13 -17.93
CA ILE B 518 -14.39 -34.41 -18.68
C ILE B 518 -15.65 -34.56 -19.54
N ARG B 519 -15.57 -34.17 -20.82
CA ARG B 519 -16.72 -34.19 -21.77
C ARG B 519 -16.61 -35.41 -22.68
#